data_4IQ6
#
_entry.id   4IQ6
#
_cell.length_a   82.835
_cell.length_b   84.991
_cell.length_c   178.058
_cell.angle_alpha   90.00
_cell.angle_beta   90.00
_cell.angle_gamma   90.00
#
_symmetry.space_group_name_H-M   'P 21 21 21'
#
loop_
_entity.id
_entity.type
_entity.pdbx_description
1 polymer 'Glycogen synthase kinase-3 beta'
2 non-polymer 6-chloro-N-cyclohexyl-4-(1H-pyrrolo[2,3-b]pyridin-3-yl)pyridin-2-amine
#
_entity_poly.entity_id   1
_entity_poly.type   'polypeptide(L)'
_entity_poly.pdbx_seq_one_letter_code
;GAMGSHMSGRPRTTSFAESCKPVQQPSAFGSMKVSRDKDGSKVTTVVATPGQGPDRPQEVSYTDTKVIGNGSFGVVYQAK
LCDSGELVAIKKVLQDKRFKNRELQIMRKLDHCNIVRLRYFFYSSGEKKDEVYLNLVLDYVPETVYRVARHYSRAKQTLP
VIYVKLYMYQLFRSLAYIHSFGICHRDIKPQNLLLDPDTAVLKLCDFGSAKQLVRGEPNVSYICSRYYRAPELIFGATDY
TSSIDVWSAGCVLAELLLGQPIFPGDSGVDQLVEIIKVLGTPTREQIREMNPNYTEFKFPQIKAHPWTKVFRPRTPPEAI
ALCSRLLEYTPTARLTPLEACAHSFFDELRDPNVKLPNGRDTPALFNFTTQELSSNPPLATILIPPHARIQAAASTPTNA
TAASDANTGDRGQTNNAASASASNST
;
_entity_poly.pdbx_strand_id   A,B
#
loop_
_chem_comp.id
_chem_comp.type
_chem_comp.name
_chem_comp.formula
IQ6 non-polymer 6-chloro-N-cyclohexyl-4-(1H-pyrrolo[2,3-b]pyridin-3-yl)pyridin-2-amine 'C18 H19 Cl N4'
#
# COMPACT_ATOMS: atom_id res chain seq x y z
N VAL A 43 -21.50 10.68 31.74
CA VAL A 43 -22.90 10.34 31.37
C VAL A 43 -23.54 11.33 30.33
N THR A 44 -23.44 10.95 29.05
CA THR A 44 -23.90 11.77 27.92
C THR A 44 -25.33 11.40 27.53
N THR A 45 -26.17 12.41 27.26
CA THR A 45 -27.54 12.17 26.80
C THR A 45 -27.85 12.93 25.53
N VAL A 46 -28.09 12.18 24.46
CA VAL A 46 -28.36 12.75 23.14
C VAL A 46 -29.78 12.45 22.69
N VAL A 47 -30.22 13.18 21.67
CA VAL A 47 -31.51 12.93 21.05
C VAL A 47 -31.13 12.47 19.65
N ALA A 48 -31.25 11.16 19.37
CA ALA A 48 -30.83 10.60 18.09
C ALA A 48 -31.96 10.02 17.27
N THR A 49 -31.74 9.89 15.97
CA THR A 49 -32.67 9.31 15.00
C THR A 49 -32.36 7.83 14.88
N PRO A 50 -33.32 6.88 15.06
CA PRO A 50 -32.99 5.46 14.84
C PRO A 50 -32.65 5.22 13.37
N GLY A 51 -31.62 4.40 13.15
CA GLY A 51 -31.07 4.06 11.83
C GLY A 51 -32.10 3.64 10.81
N GLN A 52 -32.78 2.54 11.11
CA GLN A 52 -33.88 2.03 10.30
C GLN A 52 -35.15 2.44 11.06
N GLY A 53 -36.26 2.54 10.33
CA GLY A 53 -37.52 2.91 10.93
C GLY A 53 -37.92 4.35 10.69
N PRO A 54 -39.14 4.72 11.15
CA PRO A 54 -39.64 6.09 10.91
C PRO A 54 -38.93 7.12 11.79
N ASP A 55 -38.65 8.33 11.23
CA ASP A 55 -37.94 9.45 11.89
C ASP A 55 -38.61 9.88 13.23
N ARG A 56 -38.50 9.04 14.28
CA ARG A 56 -39.08 9.28 15.59
C ARG A 56 -37.95 9.32 16.64
N PRO A 57 -37.36 10.53 16.85
CA PRO A 57 -36.18 10.65 17.71
C PRO A 57 -36.33 10.14 19.12
N GLN A 58 -35.23 9.58 19.66
CA GLN A 58 -35.17 9.01 20.99
C GLN A 58 -34.11 9.65 21.82
N GLU A 59 -34.31 9.65 23.14
CA GLU A 59 -33.35 10.13 24.10
C GLU A 59 -32.46 8.93 24.36
N VAL A 60 -31.19 9.02 23.99
CA VAL A 60 -30.21 7.96 24.16
C VAL A 60 -29.19 8.44 25.19
N SER A 61 -28.99 7.63 26.26
CA SER A 61 -28.04 7.92 27.34
C SER A 61 -26.97 6.85 27.38
N TYR A 62 -25.70 7.29 27.44
CA TYR A 62 -24.54 6.40 27.48
C TYR A 62 -23.39 6.87 28.37
N THR A 63 -22.66 5.88 28.92
CA THR A 63 -21.49 6.11 29.77
C THR A 63 -20.30 5.21 29.34
N ASP A 64 -19.17 5.29 30.09
CA ASP A 64 -17.93 4.52 29.91
C ASP A 64 -17.31 4.73 28.54
N THR A 65 -17.41 5.97 28.04
CA THR A 65 -16.93 6.37 26.73
C THR A 65 -15.40 6.33 26.62
N LYS A 66 -14.87 5.29 25.97
CA LYS A 66 -13.43 5.12 25.70
C LYS A 66 -13.15 5.02 24.21
N VAL A 67 -11.98 5.52 23.76
CA VAL A 67 -11.61 5.41 22.34
C VAL A 67 -11.24 3.95 22.05
N ILE A 68 -11.60 3.45 20.85
CA ILE A 68 -11.28 2.07 20.45
C ILE A 68 -10.54 1.97 19.11
N GLY A 69 -10.61 3.03 18.32
CA GLY A 69 -10.00 3.11 17.01
C GLY A 69 -9.81 4.55 16.65
N ASN A 70 -8.88 4.82 15.73
CA ASN A 70 -8.57 6.18 15.29
C ASN A 70 -8.02 6.21 13.87
N GLY A 71 -8.89 6.01 12.88
CA GLY A 71 -8.49 6.00 11.48
C GLY A 71 -8.42 7.39 10.83
N SER A 72 -8.24 7.42 9.49
CA SER A 72 -8.23 8.68 8.73
C SER A 72 -9.63 9.36 8.81
N PHE A 73 -10.71 8.55 8.63
CA PHE A 73 -12.14 8.88 8.67
C PHE A 73 -12.55 9.68 9.91
N GLY A 74 -11.88 9.40 11.04
CA GLY A 74 -12.13 10.00 12.34
C GLY A 74 -11.96 9.00 13.48
N VAL A 75 -12.74 9.18 14.57
CA VAL A 75 -12.71 8.36 15.80
C VAL A 75 -13.85 7.35 15.99
N VAL A 76 -13.52 6.22 16.62
CA VAL A 76 -14.49 5.19 16.98
C VAL A 76 -14.40 4.99 18.48
N TYR A 77 -15.53 5.19 19.18
CA TYR A 77 -15.59 5.06 20.62
C TYR A 77 -16.42 3.88 21.01
N GLN A 78 -16.17 3.37 22.20
CA GLN A 78 -16.94 2.31 22.79
C GLN A 78 -17.69 2.99 23.91
N ALA A 79 -18.96 2.63 24.11
CA ALA A 79 -19.80 3.20 25.15
C ALA A 79 -20.82 2.17 25.61
N LYS A 80 -21.32 2.36 26.84
CA LYS A 80 -22.34 1.53 27.46
C LYS A 80 -23.62 2.34 27.59
N LEU A 81 -24.70 1.86 26.95
CA LEU A 81 -26.02 2.49 26.99
C LEU A 81 -26.54 2.30 28.42
N CYS A 82 -26.95 3.39 29.05
CA CYS A 82 -27.41 3.43 30.43
C CYS A 82 -28.58 2.50 30.76
N ASP A 83 -29.53 2.38 29.84
CA ASP A 83 -30.74 1.58 30.06
C ASP A 83 -30.51 0.10 29.80
N SER A 84 -30.20 -0.25 28.52
CA SER A 84 -29.93 -1.59 28.02
C SER A 84 -28.76 -2.21 28.73
N GLY A 85 -27.73 -1.40 29.02
CA GLY A 85 -26.48 -1.86 29.59
C GLY A 85 -25.59 -2.38 28.48
N GLU A 86 -26.15 -2.48 27.24
CA GLU A 86 -25.51 -2.95 26.01
C GLU A 86 -24.32 -2.08 25.62
N LEU A 87 -23.31 -2.71 25.02
CA LEU A 87 -22.14 -1.99 24.54
C LEU A 87 -22.40 -1.55 23.12
N VAL A 88 -21.90 -0.35 22.75
CA VAL A 88 -22.06 0.20 21.41
C VAL A 88 -20.78 0.81 20.94
N ALA A 89 -20.67 1.01 19.61
CA ALA A 89 -19.55 1.70 18.99
C ALA A 89 -20.08 2.98 18.35
N ILE A 90 -19.40 4.10 18.59
CA ILE A 90 -19.80 5.38 18.01
C ILE A 90 -18.71 5.84 17.06
N LYS A 91 -19.03 5.98 15.76
CA LYS A 91 -18.10 6.46 14.74
C LYS A 91 -18.35 7.96 14.54
N LYS A 92 -17.47 8.82 15.10
CA LYS A 92 -17.55 10.28 14.99
C LYS A 92 -16.80 10.82 13.77
N VAL A 93 -17.51 11.18 12.70
CA VAL A 93 -16.91 11.75 11.50
C VAL A 93 -17.27 13.22 11.33
N LEU A 94 -16.43 13.96 10.57
CA LEU A 94 -16.64 15.37 10.28
C LEU A 94 -17.75 15.48 9.23
N GLN A 95 -18.60 16.51 9.33
CA GLN A 95 -19.71 16.63 8.38
C GLN A 95 -19.79 17.94 7.61
N ASP A 96 -19.83 17.81 6.27
CA ASP A 96 -20.01 18.91 5.33
C ASP A 96 -21.50 19.24 5.39
N LYS A 97 -21.87 20.50 5.67
CA LYS A 97 -23.16 20.99 5.20
C LYS A 97 -23.35 20.83 3.68
N ARG A 98 -22.22 20.94 2.90
CA ARG A 98 -22.08 20.82 1.43
C ARG A 98 -22.97 19.72 0.83
N PHE A 99 -22.82 18.49 1.34
CA PHE A 99 -23.62 17.34 0.92
C PHE A 99 -24.00 16.46 2.14
N LYS A 100 -25.05 15.61 1.99
CA LYS A 100 -25.52 14.68 3.03
C LYS A 100 -24.62 13.46 2.96
N ASN A 101 -24.16 12.96 4.15
CA ASN A 101 -23.23 11.83 4.27
C ASN A 101 -23.67 10.56 3.58
N ARG A 102 -22.89 10.13 2.58
CA ARG A 102 -23.16 8.94 1.76
C ARG A 102 -23.17 7.63 2.56
N GLU A 103 -22.26 7.50 3.55
CA GLU A 103 -22.17 6.30 4.38
C GLU A 103 -23.46 6.22 5.16
N LEU A 104 -23.92 7.37 5.73
CA LEU A 104 -25.16 7.45 6.48
C LEU A 104 -26.35 7.05 5.60
N GLN A 105 -26.36 7.51 4.33
CA GLN A 105 -27.41 7.22 3.36
C GLN A 105 -27.45 5.71 3.07
N ILE A 106 -26.25 5.11 2.93
CA ILE A 106 -26.09 3.69 2.64
C ILE A 106 -26.52 2.86 3.83
N MET A 107 -26.06 3.25 5.02
CA MET A 107 -26.35 2.54 6.27
C MET A 107 -27.84 2.41 6.49
N ARG A 108 -28.55 3.55 6.45
CA ARG A 108 -29.99 3.66 6.68
C ARG A 108 -30.85 2.70 5.87
N LYS A 109 -30.51 2.44 4.58
CA LYS A 109 -31.27 1.49 3.77
C LYS A 109 -31.00 -0.02 4.07
N LEU A 110 -29.78 -0.34 4.51
CA LEU A 110 -29.27 -1.67 4.80
C LEU A 110 -29.84 -2.26 6.10
N ASP A 111 -30.22 -3.55 6.05
CA ASP A 111 -30.68 -4.33 7.19
C ASP A 111 -30.44 -5.83 6.90
N HIS A 112 -29.35 -6.38 7.48
CA HIS A 112 -28.95 -7.78 7.26
C HIS A 112 -28.22 -8.30 8.50
N CYS A 113 -28.43 -9.60 8.80
CA CYS A 113 -27.82 -10.27 9.96
C CYS A 113 -26.28 -10.25 9.96
N ASN A 114 -25.68 -10.17 8.76
CA ASN A 114 -24.25 -10.15 8.53
C ASN A 114 -23.67 -8.76 8.17
N ILE A 115 -24.27 -7.65 8.64
CA ILE A 115 -23.84 -6.24 8.45
C ILE A 115 -24.21 -5.46 9.73
N VAL A 116 -23.24 -4.73 10.34
CA VAL A 116 -23.48 -3.94 11.57
C VAL A 116 -24.75 -3.12 11.51
N ARG A 117 -25.48 -3.03 12.65
CA ARG A 117 -26.71 -2.23 12.70
C ARG A 117 -26.41 -0.81 13.07
N LEU A 118 -26.98 0.14 12.33
CA LEU A 118 -26.88 1.54 12.68
C LEU A 118 -28.08 1.70 13.66
N ARG A 119 -27.79 1.74 14.96
CA ARG A 119 -28.83 1.82 15.97
C ARG A 119 -29.46 3.20 16.01
N TYR A 120 -28.61 4.22 16.06
CA TYR A 120 -29.00 5.62 16.15
C TYR A 120 -27.98 6.45 15.41
N PHE A 121 -28.28 7.71 15.20
CA PHE A 121 -27.35 8.67 14.63
C PHE A 121 -27.75 10.08 15.01
N PHE A 122 -26.78 10.86 15.45
CA PHE A 122 -27.02 12.24 15.83
C PHE A 122 -26.03 13.21 15.20
N TYR A 123 -25.89 14.42 15.77
CA TYR A 123 -25.00 15.46 15.26
C TYR A 123 -24.31 16.23 16.39
N SER A 124 -23.23 16.99 16.05
CA SER A 124 -22.40 17.82 16.96
C SER A 124 -21.83 19.04 16.22
N TYR A 133 -18.57 15.83 14.04
CA TYR A 133 -19.91 16.31 13.70
C TYR A 133 -21.02 15.17 13.56
N LEU A 134 -20.97 14.25 12.54
CA LEU A 134 -21.96 13.15 12.43
C LEU A 134 -21.55 11.93 13.30
N ASN A 135 -22.48 11.42 14.10
CA ASN A 135 -22.20 10.35 15.03
C ASN A 135 -22.97 9.08 14.68
N LEU A 136 -22.26 7.94 14.50
CA LEU A 136 -22.92 6.70 14.17
C LEU A 136 -22.93 5.70 15.31
N VAL A 137 -24.08 5.54 15.95
CA VAL A 137 -24.24 4.62 17.07
C VAL A 137 -24.53 3.25 16.45
N LEU A 138 -23.48 2.41 16.35
CA LEU A 138 -23.53 1.08 15.76
C LEU A 138 -23.38 0.04 16.84
N ASP A 139 -23.76 -1.21 16.52
CA ASP A 139 -23.63 -2.36 17.41
C ASP A 139 -22.16 -2.59 17.76
N TYR A 140 -21.85 -2.97 19.02
CA TYR A 140 -20.47 -3.30 19.37
C TYR A 140 -20.24 -4.76 19.07
N VAL A 141 -19.12 -5.08 18.37
CA VAL A 141 -18.75 -6.45 18.03
C VAL A 141 -17.30 -6.63 18.50
N PRO A 142 -17.06 -7.62 19.41
CA PRO A 142 -15.73 -7.74 20.05
C PRO A 142 -14.49 -7.93 19.20
N GLU A 143 -14.49 -8.93 18.34
CA GLU A 143 -13.30 -9.24 17.56
C GLU A 143 -13.42 -8.88 16.06
N THR A 144 -12.31 -9.08 15.33
CA THR A 144 -12.20 -8.89 13.89
C THR A 144 -11.42 -10.07 13.31
N VAL A 145 -11.71 -10.42 12.03
CA VAL A 145 -11.05 -11.50 11.32
C VAL A 145 -9.56 -11.22 11.32
N TYR A 146 -9.16 -9.93 11.28
CA TYR A 146 -7.78 -9.48 11.30
C TYR A 146 -7.06 -9.98 12.55
N ARG A 147 -7.65 -9.66 13.74
CA ARG A 147 -7.14 -10.03 15.06
C ARG A 147 -7.11 -11.55 15.19
N VAL A 148 -8.19 -12.24 14.83
CA VAL A 148 -8.25 -13.68 14.89
C VAL A 148 -7.13 -14.30 14.03
N ALA A 149 -7.09 -14.02 12.74
CA ALA A 149 -6.07 -14.54 11.84
C ALA A 149 -4.67 -14.30 12.41
N ARG A 150 -4.41 -13.07 12.96
CA ARG A 150 -3.11 -12.70 13.52
C ARG A 150 -2.75 -13.61 14.67
N HIS A 151 -3.67 -13.82 15.66
CA HIS A 151 -3.44 -14.75 16.78
C HIS A 151 -2.89 -16.07 16.27
N TYR A 152 -3.61 -16.70 15.34
CA TYR A 152 -3.25 -17.96 14.75
C TYR A 152 -1.89 -17.95 14.08
N SER A 153 -1.57 -16.92 13.26
CA SER A 153 -0.25 -16.88 12.58
C SER A 153 0.88 -16.63 13.55
N ARG A 154 0.63 -15.82 14.59
CA ARG A 154 1.58 -15.52 15.65
C ARG A 154 1.85 -16.78 16.47
N ALA A 155 0.85 -17.66 16.59
CA ALA A 155 0.94 -18.95 17.30
C ALA A 155 1.34 -20.11 16.34
N LYS A 156 1.84 -19.75 15.13
CA LYS A 156 2.31 -20.68 14.09
C LYS A 156 1.30 -21.72 13.56
N GLN A 157 0.00 -21.62 13.94
CA GLN A 157 -1.04 -22.52 13.40
C GLN A 157 -2.08 -21.80 12.48
N THR A 158 -3.00 -22.55 11.83
CA THR A 158 -4.06 -21.92 11.03
C THR A 158 -5.39 -22.13 11.71
N LEU A 159 -6.31 -21.24 11.35
CA LEU A 159 -7.66 -21.23 11.85
C LEU A 159 -8.41 -22.47 11.33
N PRO A 160 -9.09 -23.23 12.23
CA PRO A 160 -9.87 -24.40 11.79
C PRO A 160 -10.89 -24.11 10.68
N VAL A 161 -10.82 -24.92 9.61
CA VAL A 161 -11.66 -24.87 8.42
C VAL A 161 -13.14 -24.62 8.72
N ILE A 162 -13.67 -25.12 9.85
CA ILE A 162 -15.07 -24.83 10.17
C ILE A 162 -15.34 -23.33 10.31
N TYR A 163 -14.38 -22.60 10.91
CA TYR A 163 -14.46 -21.15 11.08
C TYR A 163 -14.28 -20.45 9.76
N VAL A 164 -13.36 -20.94 8.90
CA VAL A 164 -13.15 -20.39 7.56
C VAL A 164 -14.47 -20.46 6.72
N LYS A 165 -15.12 -21.64 6.68
CA LYS A 165 -16.40 -21.86 5.99
C LYS A 165 -17.47 -20.90 6.57
N LEU A 166 -17.61 -20.86 7.91
CA LEU A 166 -18.59 -20.02 8.59
C LEU A 166 -18.41 -18.55 8.28
N TYR A 167 -17.18 -18.04 8.44
CA TYR A 167 -16.87 -16.63 8.20
C TYR A 167 -17.00 -16.24 6.76
N MET A 168 -16.48 -17.07 5.84
CA MET A 168 -16.57 -16.78 4.42
C MET A 168 -17.97 -16.73 3.89
N TYR A 169 -18.81 -17.68 4.30
CA TYR A 169 -20.19 -17.74 3.87
C TYR A 169 -20.92 -16.47 4.25
N GLN A 170 -20.79 -16.06 5.51
CA GLN A 170 -21.44 -14.88 6.06
C GLN A 170 -21.00 -13.63 5.34
N LEU A 171 -19.71 -13.57 4.92
CA LEU A 171 -19.16 -12.45 4.16
C LEU A 171 -19.85 -12.42 2.80
N PHE A 172 -19.90 -13.58 2.12
CA PHE A 172 -20.53 -13.69 0.83
C PHE A 172 -21.99 -13.32 0.84
N ARG A 173 -22.70 -13.64 1.94
CA ARG A 173 -24.11 -13.28 2.14
C ARG A 173 -24.26 -11.75 2.21
N SER A 174 -23.44 -11.07 3.05
CA SER A 174 -23.51 -9.62 3.14
C SER A 174 -23.21 -9.01 1.79
N LEU A 175 -22.27 -9.61 1.02
CA LEU A 175 -21.95 -9.14 -0.33
C LEU A 175 -23.13 -9.33 -1.27
N ALA A 176 -23.76 -10.52 -1.28
CA ALA A 176 -24.95 -10.82 -2.08
C ALA A 176 -26.05 -9.79 -1.82
N TYR A 177 -26.26 -9.43 -0.55
CA TYR A 177 -27.24 -8.43 -0.10
C TYR A 177 -26.87 -7.05 -0.61
N ILE A 178 -25.68 -6.50 -0.19
CA ILE A 178 -25.24 -5.16 -0.61
C ILE A 178 -25.25 -5.00 -2.11
N HIS A 179 -24.76 -6.02 -2.86
CA HIS A 179 -24.71 -5.99 -4.31
C HIS A 179 -26.08 -5.94 -4.94
N SER A 180 -27.09 -6.59 -4.34
CA SER A 180 -28.47 -6.56 -4.83
C SER A 180 -29.14 -5.16 -4.66
N PHE A 181 -28.33 -4.10 -4.59
CA PHE A 181 -28.76 -2.71 -4.49
C PHE A 181 -27.81 -1.88 -5.33
N GLY A 182 -26.93 -2.57 -6.04
CA GLY A 182 -25.88 -1.96 -6.84
C GLY A 182 -24.79 -1.31 -6.00
N ILE A 183 -24.80 -1.56 -4.66
CA ILE A 183 -23.83 -1.02 -3.69
C ILE A 183 -22.59 -1.91 -3.63
N CYS A 184 -21.42 -1.28 -3.81
CA CYS A 184 -20.13 -1.92 -3.74
C CYS A 184 -19.44 -1.43 -2.47
N HIS A 185 -18.87 -2.35 -1.67
CA HIS A 185 -18.20 -2.01 -0.42
C HIS A 185 -16.93 -1.18 -0.68
N ARG A 186 -16.15 -1.60 -1.69
CA ARG A 186 -14.89 -0.98 -2.11
C ARG A 186 -13.68 -1.15 -1.19
N ASP A 187 -13.87 -1.60 0.08
CA ASP A 187 -12.79 -1.87 1.02
C ASP A 187 -12.97 -3.13 1.85
N ILE A 188 -13.04 -4.29 1.20
CA ILE A 188 -13.10 -5.55 1.92
C ILE A 188 -11.65 -5.87 2.32
N LYS A 189 -11.46 -6.02 3.64
CA LYS A 189 -10.21 -6.36 4.32
C LYS A 189 -10.60 -7.00 5.67
N PRO A 190 -9.74 -7.89 6.21
CA PRO A 190 -10.08 -8.55 7.50
C PRO A 190 -10.39 -7.61 8.67
N GLN A 191 -9.84 -6.39 8.66
CA GLN A 191 -10.10 -5.35 9.67
C GLN A 191 -11.58 -4.89 9.70
N ASN A 192 -12.26 -5.00 8.52
CA ASN A 192 -13.65 -4.60 8.30
C ASN A 192 -14.65 -5.76 8.48
N LEU A 193 -14.15 -6.95 8.88
CA LEU A 193 -15.00 -8.12 9.09
C LEU A 193 -15.04 -8.41 10.57
N LEU A 194 -16.03 -7.83 11.26
CA LEU A 194 -16.25 -7.98 12.68
C LEU A 194 -16.82 -9.32 12.98
N LEU A 195 -16.46 -9.92 14.13
CA LEU A 195 -17.03 -11.21 14.51
C LEU A 195 -17.18 -11.40 16.00
N ASP A 196 -18.23 -12.06 16.40
CA ASP A 196 -18.47 -12.44 17.78
C ASP A 196 -17.89 -13.84 17.80
N PRO A 197 -16.92 -14.08 18.69
CA PRO A 197 -16.25 -15.40 18.70
C PRO A 197 -17.12 -16.56 19.20
N ASP A 198 -17.97 -16.31 20.21
CA ASP A 198 -18.83 -17.35 20.77
C ASP A 198 -19.95 -17.73 19.82
N THR A 199 -20.68 -16.73 19.28
CA THR A 199 -21.78 -17.01 18.34
C THR A 199 -21.35 -17.40 16.94
N ALA A 200 -20.10 -17.03 16.55
CA ALA A 200 -19.48 -17.29 15.24
C ALA A 200 -20.09 -16.40 14.15
N VAL A 201 -20.78 -15.32 14.56
CA VAL A 201 -21.38 -14.41 13.59
C VAL A 201 -20.42 -13.36 13.09
N LEU A 202 -20.36 -13.20 11.77
CA LEU A 202 -19.53 -12.23 11.07
C LEU A 202 -20.44 -11.11 10.64
N LYS A 203 -19.94 -9.89 10.74
CA LYS A 203 -20.68 -8.68 10.39
C LYS A 203 -19.74 -7.73 9.65
N LEU A 204 -20.11 -7.39 8.40
CA LEU A 204 -19.39 -6.44 7.59
C LEU A 204 -19.61 -5.01 8.15
N CYS A 205 -18.54 -4.20 8.12
CA CYS A 205 -18.62 -2.82 8.59
C CYS A 205 -17.78 -1.92 7.69
N ASP A 206 -17.80 -0.60 7.94
CA ASP A 206 -17.09 0.45 7.22
C ASP A 206 -17.55 0.72 5.79
N PHE A 207 -18.72 1.36 5.72
CA PHE A 207 -19.30 1.72 4.43
C PHE A 207 -18.82 3.11 3.98
N GLY A 208 -17.74 3.56 4.62
CA GLY A 208 -17.09 4.83 4.36
C GLY A 208 -16.70 4.99 2.90
N SER A 209 -16.25 3.91 2.26
CA SER A 209 -15.87 4.01 0.84
C SER A 209 -16.85 3.27 -0.09
N ALA A 210 -17.95 2.73 0.49
CA ALA A 210 -19.03 2.06 -0.26
C ALA A 210 -19.75 3.10 -1.08
N LYS A 211 -20.06 2.74 -2.33
CA LYS A 211 -20.72 3.61 -3.29
C LYS A 211 -21.62 2.77 -4.17
N GLN A 212 -22.78 3.32 -4.56
CA GLN A 212 -23.64 2.59 -5.49
C GLN A 212 -23.09 2.79 -6.90
N LEU A 213 -22.65 1.69 -7.51
CA LEU A 213 -22.07 1.69 -8.84
C LEU A 213 -23.16 1.63 -9.89
N VAL A 214 -23.18 2.63 -10.79
CA VAL A 214 -24.12 2.75 -11.91
C VAL A 214 -23.34 2.57 -13.21
N ARG A 215 -23.86 1.75 -14.16
CA ARG A 215 -23.21 1.50 -15.46
C ARG A 215 -23.06 2.83 -16.19
N GLY A 216 -21.92 2.99 -16.86
CA GLY A 216 -21.62 4.21 -17.59
C GLY A 216 -21.03 5.33 -16.75
N GLU A 217 -21.33 5.34 -15.43
CA GLU A 217 -20.78 6.34 -14.50
C GLU A 217 -19.36 5.87 -14.08
N PRO A 218 -18.33 6.72 -14.18
CA PRO A 218 -16.99 6.27 -13.79
C PRO A 218 -16.76 6.51 -12.30
N ASN A 219 -15.99 5.61 -11.64
CA ASN A 219 -15.69 5.74 -10.20
C ASN A 219 -14.18 5.65 -10.00
N VAL A 220 -13.67 6.30 -8.92
CA VAL A 220 -12.24 6.35 -8.57
C VAL A 220 -11.54 5.00 -8.49
N SER A 221 -10.35 4.89 -9.09
CA SER A 221 -9.62 3.63 -9.04
C SER A 221 -8.75 3.55 -7.79
N TYR A 222 -8.67 4.62 -6.99
CA TYR A 222 -7.84 4.64 -5.80
C TYR A 222 -8.46 4.08 -4.50
N ILE A 223 -9.66 3.48 -4.63
CA ILE A 223 -10.37 2.83 -3.51
C ILE A 223 -9.71 1.48 -3.28
N CYS A 224 -9.97 0.88 -2.12
CA CYS A 224 -9.43 -0.44 -1.76
C CYS A 224 -8.03 -0.40 -1.17
N SER A 225 -7.81 -1.26 -0.13
CA SER A 225 -6.55 -1.33 0.62
C SER A 225 -5.63 -2.39 0.13
N ARG A 226 -4.34 -2.07 0.13
CA ARG A 226 -3.19 -2.89 -0.28
C ARG A 226 -3.35 -4.35 0.12
N TYR A 227 -3.14 -5.27 -0.83
CA TYR A 227 -3.26 -6.74 -0.69
C TYR A 227 -4.56 -7.27 -1.29
N TYR A 228 -5.68 -6.51 -1.08
CA TYR A 228 -7.05 -6.85 -1.47
C TYR A 228 -7.55 -6.18 -2.74
N ARG A 229 -6.68 -5.35 -3.34
CA ARG A 229 -6.97 -4.63 -4.58
C ARG A 229 -7.06 -5.60 -5.73
N ALA A 230 -8.20 -5.52 -6.46
CA ALA A 230 -8.48 -6.32 -7.63
C ALA A 230 -7.52 -5.85 -8.75
N PRO A 231 -7.02 -6.72 -9.64
CA PRO A 231 -6.08 -6.25 -10.68
C PRO A 231 -6.54 -5.07 -11.54
N GLU A 232 -7.84 -4.97 -11.89
CA GLU A 232 -8.43 -3.84 -12.63
C GLU A 232 -8.08 -2.54 -11.92
N LEU A 233 -8.18 -2.57 -10.57
CA LEU A 233 -7.89 -1.42 -9.75
C LEU A 233 -6.38 -1.08 -9.79
N ILE A 234 -5.50 -2.12 -9.75
CA ILE A 234 -4.05 -1.92 -9.83
C ILE A 234 -3.74 -1.20 -11.17
N PHE A 235 -4.42 -1.64 -12.26
CA PHE A 235 -4.33 -1.07 -13.59
C PHE A 235 -5.23 0.18 -13.75
N GLY A 236 -5.57 0.84 -12.63
CA GLY A 236 -6.35 2.08 -12.59
C GLY A 236 -7.66 2.18 -13.35
N ALA A 237 -8.43 1.06 -13.45
CA ALA A 237 -9.73 1.03 -14.17
C ALA A 237 -10.78 1.87 -13.45
N THR A 238 -11.66 2.54 -14.22
CA THR A 238 -12.74 3.42 -13.66
C THR A 238 -14.17 2.90 -14.00
N ASP A 239 -14.19 1.76 -14.77
CA ASP A 239 -15.35 1.02 -15.25
C ASP A 239 -15.48 -0.32 -14.45
N TYR A 240 -14.90 -0.36 -13.24
CA TYR A 240 -14.97 -1.59 -12.46
C TYR A 240 -16.38 -1.85 -11.94
N THR A 241 -16.68 -3.14 -11.61
CA THR A 241 -17.99 -3.56 -11.10
C THR A 241 -17.87 -4.05 -9.66
N SER A 242 -18.96 -4.62 -9.09
CA SER A 242 -18.96 -5.15 -7.73
C SER A 242 -18.12 -6.41 -7.59
N SER A 243 -17.63 -6.95 -8.72
CA SER A 243 -16.74 -8.11 -8.77
C SER A 243 -15.42 -7.80 -8.08
N ILE A 244 -15.17 -6.52 -7.78
CA ILE A 244 -13.96 -6.09 -7.07
C ILE A 244 -14.03 -6.61 -5.64
N ASP A 245 -15.23 -6.52 -5.00
CA ASP A 245 -15.48 -7.04 -3.64
C ASP A 245 -15.28 -8.56 -3.57
N VAL A 246 -15.60 -9.28 -4.68
CA VAL A 246 -15.45 -10.72 -4.81
C VAL A 246 -13.97 -11.10 -4.85
N TRP A 247 -13.13 -10.28 -5.51
CA TRP A 247 -11.69 -10.50 -5.57
C TRP A 247 -11.14 -10.36 -4.14
N SER A 248 -11.48 -9.24 -3.45
CA SER A 248 -11.12 -8.92 -2.07
C SER A 248 -11.58 -10.04 -1.14
N ALA A 249 -12.81 -10.55 -1.33
CA ALA A 249 -13.32 -11.66 -0.53
C ALA A 249 -12.41 -12.90 -0.73
N GLY A 250 -12.09 -13.22 -2.00
CA GLY A 250 -11.22 -14.33 -2.38
C GLY A 250 -9.84 -14.24 -1.74
N CYS A 251 -9.33 -13.00 -1.61
CA CYS A 251 -8.05 -12.68 -0.99
C CYS A 251 -8.08 -13.00 0.49
N VAL A 252 -9.23 -12.78 1.16
CA VAL A 252 -9.42 -13.07 2.58
C VAL A 252 -9.47 -14.58 2.76
N LEU A 253 -10.23 -15.29 1.87
CA LEU A 253 -10.31 -16.74 1.94
C LEU A 253 -8.90 -17.35 1.94
N ALA A 254 -8.11 -17.04 0.90
CA ALA A 254 -6.75 -17.52 0.71
C ALA A 254 -5.88 -17.23 1.91
N GLU A 255 -6.01 -16.03 2.51
CA GLU A 255 -5.21 -15.57 3.65
C GLU A 255 -5.47 -16.40 4.87
N LEU A 256 -6.75 -16.74 5.13
CA LEU A 256 -7.15 -17.58 6.25
C LEU A 256 -6.65 -19.02 6.01
N LEU A 257 -6.58 -19.42 4.72
CA LEU A 257 -6.10 -20.74 4.35
C LEU A 257 -4.58 -20.82 4.46
N LEU A 258 -3.84 -19.87 3.84
CA LEU A 258 -2.38 -19.82 3.84
C LEU A 258 -1.80 -19.43 5.20
N GLY A 259 -2.54 -18.65 5.97
CA GLY A 259 -2.06 -18.14 7.24
C GLY A 259 -1.27 -16.85 7.12
N GLN A 260 -1.30 -16.20 5.93
CA GLN A 260 -0.62 -14.93 5.60
C GLN A 260 -1.13 -14.37 4.23
N PRO A 261 -1.01 -13.06 3.94
CA PRO A 261 -1.54 -12.54 2.66
C PRO A 261 -1.05 -13.26 1.42
N ILE A 262 -1.97 -13.57 0.48
CA ILE A 262 -1.64 -14.30 -0.77
C ILE A 262 -0.85 -13.46 -1.76
N PHE A 263 -1.22 -12.18 -1.94
CA PHE A 263 -0.54 -11.29 -2.90
C PHE A 263 -0.03 -10.03 -2.20
N PRO A 264 1.11 -10.12 -1.49
CA PRO A 264 1.60 -8.95 -0.79
C PRO A 264 2.43 -8.08 -1.71
N GLY A 265 2.86 -6.94 -1.18
CA GLY A 265 3.69 -6.01 -1.91
C GLY A 265 3.27 -4.61 -1.61
N ASP A 266 4.23 -3.69 -1.51
CA ASP A 266 3.93 -2.30 -1.23
C ASP A 266 3.66 -1.47 -2.45
N SER A 267 4.13 -1.94 -3.62
CA SER A 267 3.89 -1.28 -4.89
C SER A 267 2.97 -2.17 -5.71
N GLY A 268 2.16 -1.56 -6.59
CA GLY A 268 1.28 -2.30 -7.49
C GLY A 268 2.06 -3.36 -8.23
N VAL A 269 3.27 -3.00 -8.67
CA VAL A 269 4.24 -3.86 -9.37
C VAL A 269 4.47 -5.13 -8.52
N ASP A 270 4.88 -4.94 -7.25
CA ASP A 270 5.12 -6.04 -6.33
C ASP A 270 3.90 -6.96 -6.19
N GLN A 271 2.68 -6.35 -6.08
CA GLN A 271 1.40 -7.05 -5.94
C GLN A 271 1.13 -7.88 -7.20
N LEU A 272 1.18 -7.25 -8.38
CA LEU A 272 0.99 -7.86 -9.69
C LEU A 272 1.90 -9.07 -9.91
N VAL A 273 3.15 -9.02 -9.45
CA VAL A 273 4.13 -10.11 -9.54
C VAL A 273 3.59 -11.34 -8.79
N GLU A 274 3.23 -11.17 -7.50
CA GLU A 274 2.72 -12.22 -6.64
C GLU A 274 1.44 -12.84 -7.21
N ILE A 275 0.66 -12.06 -8.01
CA ILE A 275 -0.55 -12.50 -8.71
C ILE A 275 -0.14 -13.43 -9.85
N ILE A 276 0.70 -12.91 -10.81
CA ILE A 276 1.24 -13.69 -11.94
C ILE A 276 1.91 -14.99 -11.42
N LYS A 277 2.64 -14.90 -10.27
CA LYS A 277 3.25 -16.08 -9.64
C LYS A 277 2.20 -17.22 -9.50
N VAL A 278 0.96 -16.91 -9.08
CA VAL A 278 -0.08 -17.92 -8.90
C VAL A 278 -1.06 -18.04 -10.08
N LEU A 279 -1.63 -16.92 -10.53
CA LEU A 279 -2.59 -16.89 -11.62
C LEU A 279 -2.03 -17.14 -13.02
N GLY A 280 -0.74 -16.93 -13.20
CA GLY A 280 -0.13 -17.05 -14.52
C GLY A 280 -0.13 -15.71 -15.24
N THR A 281 0.34 -15.68 -16.48
CA THR A 281 0.38 -14.41 -17.21
C THR A 281 -0.98 -14.13 -17.85
N PRO A 282 -1.55 -12.92 -17.64
CA PRO A 282 -2.88 -12.65 -18.24
C PRO A 282 -2.82 -12.51 -19.75
N THR A 283 -3.79 -13.13 -20.45
CA THR A 283 -3.89 -13.05 -21.92
C THR A 283 -4.16 -11.59 -22.34
N ARG A 284 -3.94 -11.26 -23.63
CA ARG A 284 -4.19 -9.90 -24.07
C ARG A 284 -5.67 -9.58 -23.84
N GLU A 285 -6.56 -10.63 -23.96
CA GLU A 285 -7.99 -10.47 -23.71
C GLU A 285 -8.26 -10.26 -22.24
N GLN A 286 -7.58 -11.05 -21.36
CA GLN A 286 -7.72 -10.90 -19.90
C GLN A 286 -7.31 -9.45 -19.49
N ILE A 287 -6.15 -8.95 -20.01
CA ILE A 287 -5.61 -7.58 -19.84
C ILE A 287 -6.66 -6.53 -20.30
N ARG A 288 -7.39 -6.86 -21.37
CA ARG A 288 -8.41 -6.01 -21.95
C ARG A 288 -9.68 -5.93 -21.10
N GLU A 289 -10.15 -7.08 -20.58
CA GLU A 289 -11.35 -7.19 -19.72
C GLU A 289 -11.27 -6.27 -18.50
N MET A 290 -10.02 -6.08 -17.95
CA MET A 290 -9.67 -5.18 -16.83
C MET A 290 -9.73 -3.67 -17.25
N ASN A 291 -8.85 -3.25 -18.20
CA ASN A 291 -8.80 -1.88 -18.69
C ASN A 291 -7.62 -1.16 -18.06
N PRO A 306 -0.43 -23.02 -10.41
CA PRO A 306 -0.12 -23.98 -9.34
C PRO A 306 -1.36 -24.47 -8.58
N TRP A 307 -2.00 -23.55 -7.80
CA TRP A 307 -3.19 -23.70 -6.94
C TRP A 307 -3.13 -24.78 -5.86
N THR A 308 -3.00 -26.07 -6.26
CA THR A 308 -2.85 -27.15 -5.25
C THR A 308 -1.46 -27.04 -4.60
N LYS A 309 -0.49 -26.45 -5.32
CA LYS A 309 0.88 -26.18 -4.86
C LYS A 309 0.95 -24.92 -3.94
N VAL A 310 -0.09 -24.06 -4.00
CA VAL A 310 -0.15 -22.82 -3.23
C VAL A 310 -0.40 -23.08 -1.75
N PHE A 311 -1.41 -23.91 -1.43
CA PHE A 311 -1.79 -24.20 -0.04
C PHE A 311 -1.11 -25.40 0.58
N ARG A 312 -1.13 -25.45 1.91
CA ARG A 312 -0.54 -26.53 2.69
C ARG A 312 -1.19 -27.92 2.33
N PRO A 313 -0.59 -29.06 2.72
CA PRO A 313 -1.13 -30.37 2.30
C PRO A 313 -2.58 -30.84 2.54
N ARG A 314 -3.14 -30.82 3.78
CA ARG A 314 -4.52 -31.30 4.00
C ARG A 314 -5.56 -30.21 3.78
N THR A 315 -5.27 -29.20 2.92
CA THR A 315 -6.19 -28.10 2.64
C THR A 315 -7.31 -28.72 1.81
N PRO A 316 -8.61 -28.54 2.21
CA PRO A 316 -9.70 -29.11 1.40
C PRO A 316 -9.64 -28.73 -0.09
N PRO A 317 -9.79 -29.71 -1.00
CA PRO A 317 -9.74 -29.39 -2.45
C PRO A 317 -10.77 -28.32 -2.85
N GLU A 318 -11.96 -28.37 -2.23
CA GLU A 318 -13.11 -27.48 -2.36
C GLU A 318 -12.72 -26.03 -2.01
N ALA A 319 -11.89 -25.83 -0.97
CA ALA A 319 -11.39 -24.51 -0.58
C ALA A 319 -10.53 -23.93 -1.72
N ILE A 320 -9.59 -24.75 -2.24
CA ILE A 320 -8.70 -24.39 -3.34
C ILE A 320 -9.53 -24.12 -4.58
N ALA A 321 -10.53 -24.99 -4.87
CA ALA A 321 -11.49 -24.85 -5.98
C ALA A 321 -12.20 -23.50 -5.91
N LEU A 322 -12.69 -23.12 -4.71
CA LEU A 322 -13.41 -21.88 -4.48
C LEU A 322 -12.51 -20.70 -4.77
N CYS A 323 -11.22 -20.77 -4.35
CA CYS A 323 -10.26 -19.70 -4.62
C CYS A 323 -10.14 -19.37 -6.09
N SER A 324 -9.69 -20.36 -6.88
CA SER A 324 -9.50 -20.26 -8.34
C SER A 324 -10.64 -19.57 -9.07
N ARG A 325 -11.86 -19.80 -8.59
CA ARG A 325 -13.13 -19.27 -9.12
C ARG A 325 -13.46 -17.82 -8.73
N LEU A 326 -12.83 -17.33 -7.65
CA LEU A 326 -12.96 -15.97 -7.14
C LEU A 326 -11.78 -15.13 -7.64
N LEU A 327 -10.55 -15.69 -7.57
CA LEU A 327 -9.33 -15.00 -7.99
C LEU A 327 -9.04 -15.22 -9.49
N GLU A 328 -9.90 -14.60 -10.33
CA GLU A 328 -9.89 -14.67 -11.79
C GLU A 328 -9.45 -13.34 -12.34
N TYR A 329 -8.67 -13.34 -13.45
CA TYR A 329 -8.25 -12.08 -14.07
C TYR A 329 -9.47 -11.35 -14.60
N THR A 330 -10.27 -12.03 -15.44
CA THR A 330 -11.51 -11.53 -16.05
C THR A 330 -12.57 -11.27 -14.97
N PRO A 331 -12.92 -9.98 -14.72
CA PRO A 331 -13.91 -9.67 -13.66
C PRO A 331 -15.24 -10.38 -13.82
N THR A 332 -15.52 -10.77 -15.06
CA THR A 332 -16.69 -11.49 -15.56
C THR A 332 -16.67 -12.96 -15.17
N ALA A 333 -15.49 -13.59 -15.19
CA ALA A 333 -15.22 -15.00 -14.86
C ALA A 333 -15.43 -15.33 -13.38
N ARG A 334 -15.41 -14.31 -12.53
CA ARG A 334 -15.51 -14.51 -11.10
C ARG A 334 -16.92 -14.83 -10.71
N LEU A 335 -17.07 -15.73 -9.72
CA LEU A 335 -18.34 -16.13 -9.11
C LEU A 335 -19.07 -14.90 -8.57
N THR A 336 -20.38 -15.01 -8.41
CA THR A 336 -21.13 -13.92 -7.81
C THR A 336 -21.20 -14.27 -6.33
N PRO A 337 -21.39 -13.32 -5.39
CA PRO A 337 -21.46 -13.72 -3.97
C PRO A 337 -22.40 -14.90 -3.70
N LEU A 338 -23.60 -14.91 -4.33
CA LEU A 338 -24.60 -15.96 -4.15
C LEU A 338 -24.10 -17.27 -4.67
N GLU A 339 -23.38 -17.24 -5.80
CA GLU A 339 -22.83 -18.42 -6.47
C GLU A 339 -21.82 -19.06 -5.56
N ALA A 340 -21.06 -18.22 -4.85
CA ALA A 340 -20.07 -18.64 -3.88
C ALA A 340 -20.78 -19.27 -2.65
N CYS A 341 -21.81 -18.62 -2.09
CA CYS A 341 -22.52 -19.18 -0.93
C CYS A 341 -22.92 -20.63 -1.22
N ALA A 342 -23.41 -20.89 -2.48
CA ALA A 342 -23.86 -22.17 -3.04
C ALA A 342 -22.67 -23.11 -3.50
N HIS A 343 -21.42 -22.83 -3.09
CA HIS A 343 -20.29 -23.63 -3.49
C HIS A 343 -20.16 -24.87 -2.62
N SER A 344 -19.55 -25.95 -3.18
CA SER A 344 -19.32 -27.21 -2.48
C SER A 344 -18.55 -27.00 -1.19
N PHE A 345 -17.58 -26.05 -1.15
CA PHE A 345 -16.84 -25.76 0.08
C PHE A 345 -17.77 -25.43 1.26
N PHE A 346 -18.95 -24.79 1.04
CA PHE A 346 -19.91 -24.49 2.10
C PHE A 346 -20.93 -25.62 2.42
N ASP A 347 -20.85 -26.76 1.69
CA ASP A 347 -21.76 -27.90 1.88
C ASP A 347 -21.89 -28.40 3.33
N GLU A 348 -20.80 -28.25 4.14
CA GLU A 348 -20.81 -28.66 5.54
C GLU A 348 -21.79 -27.82 6.38
N LEU A 349 -21.96 -26.53 6.07
CA LEU A 349 -22.86 -25.65 6.84
C LEU A 349 -24.31 -25.98 6.53
N ARG A 350 -24.49 -26.65 5.36
CA ARG A 350 -25.76 -27.15 4.90
C ARG A 350 -26.16 -28.46 5.57
N ASP A 351 -25.19 -29.16 6.26
CA ASP A 351 -25.44 -30.40 7.03
C ASP A 351 -26.36 -30.10 8.22
N PRO A 352 -27.42 -30.93 8.45
CA PRO A 352 -28.37 -30.64 9.54
C PRO A 352 -27.77 -30.78 10.93
N ASN A 353 -26.71 -31.59 11.04
CA ASN A 353 -26.02 -31.88 12.30
C ASN A 353 -24.90 -30.93 12.62
N VAL A 354 -24.46 -30.10 11.63
CA VAL A 354 -23.38 -29.14 11.83
C VAL A 354 -23.58 -28.30 13.08
N LYS A 355 -22.55 -28.34 13.94
CA LYS A 355 -22.50 -27.59 15.19
C LYS A 355 -21.13 -26.89 15.34
N LEU A 356 -21.06 -25.84 16.17
CA LEU A 356 -19.81 -25.11 16.40
C LEU A 356 -18.90 -25.97 17.33
N PRO A 357 -17.56 -25.78 17.27
CA PRO A 357 -16.67 -26.56 18.15
C PRO A 357 -17.01 -26.44 19.63
N ASN A 358 -17.57 -25.29 20.05
CA ASN A 358 -17.97 -25.07 21.44
C ASN A 358 -19.32 -25.72 21.78
N GLY A 359 -19.84 -26.53 20.86
CA GLY A 359 -21.11 -27.23 21.02
C GLY A 359 -22.34 -26.44 20.61
N ARG A 360 -22.22 -25.09 20.57
CA ARG A 360 -23.30 -24.17 20.20
C ARG A 360 -23.80 -24.39 18.77
N ASP A 361 -25.00 -23.86 18.47
CA ASP A 361 -25.61 -23.94 17.16
C ASP A 361 -24.94 -22.96 16.20
N THR A 362 -24.98 -23.24 14.89
CA THR A 362 -24.42 -22.30 13.93
C THR A 362 -25.41 -21.12 13.83
N PRO A 363 -24.96 -19.90 13.47
CA PRO A 363 -25.91 -18.78 13.34
C PRO A 363 -26.88 -18.99 12.17
N ALA A 364 -27.86 -18.10 11.99
CA ALA A 364 -28.82 -18.22 10.87
C ALA A 364 -28.08 -18.16 9.53
N LEU A 365 -28.19 -19.25 8.76
CA LEU A 365 -27.48 -19.31 7.49
C LEU A 365 -28.42 -19.39 6.28
N PHE A 366 -29.69 -19.70 6.51
CA PHE A 366 -30.63 -19.93 5.40
C PHE A 366 -31.82 -18.99 5.27
N ASN A 367 -31.96 -18.02 6.18
CA ASN A 367 -33.02 -17.02 6.22
C ASN A 367 -32.94 -16.07 5.01
N PHE A 368 -32.80 -16.64 3.80
CA PHE A 368 -32.67 -15.89 2.58
C PHE A 368 -33.94 -15.21 2.19
N THR A 369 -33.84 -13.89 1.91
CA THR A 369 -34.96 -13.04 1.48
C THR A 369 -35.00 -13.00 -0.04
N THR A 370 -36.14 -12.52 -0.60
CA THR A 370 -36.35 -12.43 -2.06
C THR A 370 -35.28 -11.52 -2.60
N GLN A 371 -34.98 -10.45 -1.82
CA GLN A 371 -33.97 -9.45 -2.07
C GLN A 371 -32.59 -10.10 -2.23
N GLU A 372 -32.11 -10.84 -1.19
CA GLU A 372 -30.83 -11.53 -1.18
C GLU A 372 -30.68 -12.45 -2.40
N LEU A 373 -31.73 -13.24 -2.68
CA LEU A 373 -31.77 -14.21 -3.77
C LEU A 373 -32.03 -13.64 -5.17
N SER A 374 -32.47 -12.33 -5.25
CA SER A 374 -32.83 -11.62 -6.50
C SER A 374 -31.84 -11.83 -7.62
N SER A 375 -30.53 -11.77 -7.29
CA SER A 375 -29.39 -12.01 -8.17
C SER A 375 -29.68 -13.17 -9.19
N ASN A 376 -30.25 -14.32 -8.70
CA ASN A 376 -30.49 -15.57 -9.43
C ASN A 376 -31.32 -16.53 -8.51
N PRO A 377 -32.68 -16.33 -8.41
CA PRO A 377 -33.51 -17.16 -7.53
C PRO A 377 -33.38 -18.70 -7.57
N PRO A 378 -33.23 -19.38 -8.73
CA PRO A 378 -32.99 -20.84 -8.74
C PRO A 378 -31.94 -21.39 -7.75
N LEU A 379 -30.97 -20.55 -7.35
CA LEU A 379 -29.93 -20.98 -6.41
C LEU A 379 -30.45 -21.38 -5.02
N ALA A 380 -31.69 -20.96 -4.67
CA ALA A 380 -32.31 -21.25 -3.39
C ALA A 380 -32.49 -22.73 -3.13
N THR A 381 -32.59 -23.54 -4.23
CA THR A 381 -32.66 -25.03 -4.17
C THR A 381 -31.39 -25.56 -3.49
N ILE A 382 -30.22 -24.96 -3.81
CA ILE A 382 -28.93 -25.30 -3.18
C ILE A 382 -28.83 -24.54 -1.86
N LEU A 383 -29.06 -23.24 -1.90
CA LEU A 383 -28.93 -22.37 -0.76
C LEU A 383 -29.68 -22.73 0.51
N ILE A 384 -30.94 -23.11 0.39
CA ILE A 384 -31.77 -23.53 1.53
C ILE A 384 -31.83 -25.08 1.57
N PRO A 385 -31.15 -25.72 2.55
CA PRO A 385 -31.14 -27.19 2.60
C PRO A 385 -32.53 -27.72 2.94
N PRO A 386 -32.85 -28.98 2.54
CA PRO A 386 -34.20 -29.52 2.79
C PRO A 386 -34.64 -29.42 4.22
N HIS A 387 -33.71 -29.61 5.19
CA HIS A 387 -34.02 -29.51 6.62
C HIS A 387 -34.52 -28.14 7.11
N ALA A 388 -34.83 -27.22 6.18
CA ALA A 388 -35.35 -25.86 6.41
C ALA A 388 -36.60 -25.54 5.56
N VAL B 43 34.62 -21.36 -3.10
CA VAL B 43 34.74 -20.43 -4.24
C VAL B 43 33.84 -20.77 -5.42
N THR B 44 33.41 -19.73 -6.13
CA THR B 44 32.66 -19.73 -7.38
C THR B 44 33.48 -18.89 -8.35
N THR B 45 33.62 -19.38 -9.60
CA THR B 45 34.33 -18.62 -10.64
C THR B 45 33.48 -18.45 -11.87
N VAL B 46 33.14 -17.21 -12.16
CA VAL B 46 32.28 -16.88 -13.30
C VAL B 46 33.06 -16.09 -14.36
N VAL B 47 32.49 -16.03 -15.56
CA VAL B 47 33.04 -15.23 -16.63
C VAL B 47 31.99 -14.16 -16.77
N ALA B 48 32.29 -12.99 -16.17
CA ALA B 48 31.42 -11.82 -16.02
C ALA B 48 31.90 -10.61 -16.79
N THR B 49 30.94 -9.83 -17.31
CA THR B 49 31.19 -8.64 -18.08
C THR B 49 31.23 -7.42 -17.16
N PRO B 50 32.25 -6.54 -17.26
CA PRO B 50 32.30 -5.33 -16.42
C PRO B 50 31.18 -4.36 -16.79
N GLY B 51 30.55 -3.77 -15.78
CA GLY B 51 29.40 -2.86 -15.90
C GLY B 51 29.60 -1.73 -16.87
N GLN B 52 30.60 -0.90 -16.61
CA GLN B 52 31.01 0.19 -17.49
C GLN B 52 32.24 -0.34 -18.25
N GLY B 53 32.51 0.24 -19.41
CA GLY B 53 33.62 -0.18 -20.23
C GLY B 53 33.21 -1.04 -21.41
N PRO B 54 34.19 -1.41 -22.27
CA PRO B 54 33.84 -2.24 -23.46
C PRO B 54 33.53 -3.68 -23.08
N ASP B 55 32.53 -4.32 -23.75
CA ASP B 55 32.07 -5.69 -23.45
C ASP B 55 33.21 -6.74 -23.55
N ARG B 56 34.12 -6.75 -22.56
CA ARG B 56 35.27 -7.64 -22.56
C ARG B 56 35.27 -8.48 -21.27
N PRO B 57 34.57 -9.64 -21.33
CA PRO B 57 34.42 -10.47 -20.13
C PRO B 57 35.68 -10.91 -19.44
N GLN B 58 35.62 -10.98 -18.10
CA GLN B 58 36.70 -11.36 -17.19
C GLN B 58 36.31 -12.52 -16.34
N GLU B 59 37.32 -13.24 -15.85
CA GLU B 59 37.14 -14.35 -14.93
C GLU B 59 37.06 -13.70 -13.55
N VAL B 60 35.89 -13.79 -12.90
CA VAL B 60 35.63 -13.23 -11.58
C VAL B 60 35.43 -14.37 -10.60
N SER B 61 36.18 -14.34 -9.49
CA SER B 61 36.13 -15.36 -8.43
C SER B 61 35.67 -14.75 -7.11
N TYR B 62 34.73 -15.43 -6.44
CA TYR B 62 34.16 -15.01 -5.16
C TYR B 62 33.84 -16.15 -4.18
N THR B 63 33.94 -15.84 -2.88
CA THR B 63 33.62 -16.77 -1.80
C THR B 63 32.69 -16.12 -0.74
N ASP B 64 32.38 -16.86 0.36
CA ASP B 64 31.56 -16.46 1.50
C ASP B 64 30.15 -16.05 1.10
N THR B 65 29.60 -16.74 0.10
CA THR B 65 28.28 -16.47 -0.46
C THR B 65 27.14 -16.77 0.49
N LYS B 66 26.57 -15.71 1.09
CA LYS B 66 25.41 -15.80 2.00
C LYS B 66 24.23 -14.97 1.48
N VAL B 67 22.99 -15.42 1.71
CA VAL B 67 21.81 -14.65 1.31
C VAL B 67 21.67 -13.43 2.21
N ILE B 68 21.24 -12.28 1.66
CA ILE B 68 21.06 -11.06 2.43
C ILE B 68 19.65 -10.49 2.29
N GLY B 69 18.87 -11.11 1.43
CA GLY B 69 17.50 -10.72 1.17
C GLY B 69 16.92 -11.50 0.02
N ASN B 70 15.59 -11.52 -0.08
CA ASN B 70 14.88 -12.19 -1.15
C ASN B 70 13.52 -11.57 -1.41
N GLY B 71 13.51 -10.40 -2.08
CA GLY B 71 12.29 -9.68 -2.47
C GLY B 71 11.47 -10.39 -3.54
N SER B 72 10.47 -9.68 -4.11
CA SER B 72 9.62 -10.25 -5.17
C SER B 72 10.48 -10.52 -6.45
N PHE B 73 11.35 -9.52 -6.81
CA PHE B 73 12.32 -9.47 -7.92
C PHE B 73 13.21 -10.72 -8.02
N GLY B 74 13.54 -11.30 -6.86
CA GLY B 74 14.42 -12.44 -6.70
C GLY B 74 15.29 -12.33 -5.46
N VAL B 75 16.48 -12.93 -5.47
CA VAL B 75 17.38 -12.92 -4.30
C VAL B 75 18.63 -12.06 -4.44
N VAL B 76 19.15 -11.61 -3.30
CA VAL B 76 20.34 -10.76 -3.18
C VAL B 76 21.33 -11.48 -2.25
N TYR B 77 22.55 -11.71 -2.74
CA TYR B 77 23.58 -12.40 -1.97
C TYR B 77 24.71 -11.47 -1.65
N GLN B 78 25.44 -11.78 -0.60
CA GLN B 78 26.63 -11.07 -0.22
C GLN B 78 27.75 -12.03 -0.53
N ALA B 79 28.87 -11.53 -1.05
CA ALA B 79 30.02 -12.35 -1.40
C ALA B 79 31.29 -11.54 -1.27
N LYS B 80 32.42 -12.24 -1.11
CA LYS B 80 33.76 -11.65 -1.01
C LYS B 80 34.55 -12.05 -2.27
N LEU B 81 34.99 -11.04 -3.05
CA LEU B 81 35.77 -11.24 -4.25
C LEU B 81 37.14 -11.74 -3.80
N CYS B 82 37.61 -12.86 -4.38
CA CYS B 82 38.86 -13.51 -4.01
C CYS B 82 40.09 -12.66 -4.14
N ASP B 83 40.16 -11.81 -5.16
CA ASP B 83 41.33 -10.99 -5.44
C ASP B 83 41.39 -9.74 -4.58
N SER B 84 40.40 -8.85 -4.77
CA SER B 84 40.22 -7.57 -4.06
C SER B 84 40.03 -7.79 -2.58
N GLY B 85 39.30 -8.84 -2.22
CA GLY B 85 38.93 -9.12 -0.85
C GLY B 85 37.69 -8.32 -0.50
N GLU B 86 37.27 -7.42 -1.41
CA GLU B 86 36.10 -6.53 -1.32
C GLU B 86 34.79 -7.28 -1.22
N LEU B 87 33.84 -6.70 -0.46
CA LEU B 87 32.51 -7.31 -0.33
C LEU B 87 31.63 -6.79 -1.44
N VAL B 88 30.77 -7.67 -1.96
CA VAL B 88 29.85 -7.32 -3.05
C VAL B 88 28.47 -7.88 -2.80
N ALA B 89 27.49 -7.32 -3.50
CA ALA B 89 26.12 -7.81 -3.47
C ALA B 89 25.77 -8.32 -4.86
N ILE B 90 25.17 -9.53 -4.94
CA ILE B 90 24.77 -10.12 -6.22
C ILE B 90 23.26 -10.22 -6.25
N LYS B 91 22.61 -9.49 -7.18
CA LYS B 91 21.16 -9.53 -7.36
C LYS B 91 20.82 -10.54 -8.47
N LYS B 92 20.33 -11.75 -8.09
CA LYS B 92 19.97 -12.84 -9.00
C LYS B 92 18.48 -12.74 -9.47
N VAL B 93 18.23 -12.24 -10.68
CA VAL B 93 16.87 -12.18 -11.24
C VAL B 93 16.70 -13.17 -12.41
N LEU B 94 15.45 -13.57 -12.70
CA LEU B 94 15.15 -14.46 -13.82
C LEU B 94 15.28 -13.67 -15.13
N GLN B 95 15.72 -14.31 -16.21
CA GLN B 95 15.91 -13.59 -17.47
C GLN B 95 15.26 -14.24 -18.69
N ASP B 96 14.40 -13.47 -19.39
CA ASP B 96 13.76 -13.86 -20.65
C ASP B 96 14.86 -13.69 -21.69
N LYS B 97 15.15 -14.71 -22.50
CA LYS B 97 15.79 -14.46 -23.79
C LYS B 97 14.97 -13.48 -24.68
N ARG B 98 13.61 -13.51 -24.54
CA ARG B 98 12.59 -12.66 -25.20
C ARG B 98 13.02 -11.21 -25.39
N PHE B 99 13.41 -10.55 -24.27
CA PHE B 99 13.89 -9.16 -24.28
C PHE B 99 15.11 -9.00 -23.34
N LYS B 100 15.90 -7.92 -23.58
CA LYS B 100 17.08 -7.56 -22.81
C LYS B 100 16.58 -6.83 -21.55
N ASN B 101 17.18 -7.16 -20.38
CA ASN B 101 16.84 -6.58 -19.08
C ASN B 101 17.07 -5.08 -19.03
N ARG B 102 15.98 -4.34 -18.79
CA ARG B 102 15.98 -2.88 -18.75
C ARG B 102 16.83 -2.29 -17.62
N GLU B 103 16.81 -2.94 -16.43
CA GLU B 103 17.55 -2.50 -15.26
C GLU B 103 19.03 -2.58 -15.63
N LEU B 104 19.43 -3.71 -16.28
CA LEU B 104 20.81 -3.93 -16.74
C LEU B 104 21.22 -2.84 -17.72
N GLN B 105 20.33 -2.50 -18.66
CA GLN B 105 20.62 -1.44 -19.64
C GLN B 105 20.69 -0.04 -19.02
N ILE B 106 19.95 0.18 -17.94
CA ILE B 106 19.99 1.45 -17.22
C ILE B 106 21.26 1.54 -16.39
N MET B 107 21.57 0.45 -15.68
CA MET B 107 22.76 0.36 -14.82
C MET B 107 24.01 0.69 -15.57
N ARG B 108 24.24 -0.02 -16.69
CA ARG B 108 25.41 0.09 -17.55
C ARG B 108 25.77 1.52 -17.97
N LYS B 109 24.77 2.37 -18.28
CA LYS B 109 25.06 3.76 -18.66
C LYS B 109 25.41 4.71 -17.50
N LEU B 110 24.84 4.45 -16.31
CA LEU B 110 24.99 5.21 -15.05
C LEU B 110 26.37 5.07 -14.41
N ASP B 111 26.94 6.20 -13.97
CA ASP B 111 28.21 6.30 -13.25
C ASP B 111 28.21 7.57 -12.37
N HIS B 112 27.89 7.39 -11.07
CA HIS B 112 27.78 8.50 -10.12
C HIS B 112 28.15 8.04 -8.71
N CYS B 113 28.81 8.93 -7.94
CA CYS B 113 29.23 8.64 -6.57
C CYS B 113 28.09 8.28 -5.60
N ASN B 114 26.88 8.75 -5.90
CA ASN B 114 25.67 8.54 -5.12
C ASN B 114 24.68 7.51 -5.73
N ILE B 115 25.19 6.52 -6.48
CA ILE B 115 24.41 5.42 -7.08
C ILE B 115 25.30 4.17 -7.03
N VAL B 116 24.75 3.01 -6.60
CA VAL B 116 25.49 1.73 -6.56
C VAL B 116 26.17 1.45 -7.89
N ARG B 117 27.41 0.93 -7.85
CA ARG B 117 28.13 0.59 -9.09
C ARG B 117 27.83 -0.84 -9.51
N LEU B 118 27.54 -1.03 -10.81
CA LEU B 118 27.42 -2.36 -11.35
C LEU B 118 28.89 -2.72 -11.72
N ARG B 119 29.50 -3.53 -10.89
CA ARG B 119 30.91 -3.91 -11.09
C ARG B 119 31.07 -4.90 -12.25
N TYR B 120 30.23 -5.93 -12.25
CA TYR B 120 30.16 -6.96 -13.27
C TYR B 120 28.73 -7.43 -13.36
N PHE B 121 28.47 -8.35 -14.29
CA PHE B 121 27.21 -9.06 -14.46
C PHE B 121 27.50 -10.35 -15.24
N PHE B 122 26.74 -11.41 -14.95
CA PHE B 122 26.89 -12.71 -15.59
C PHE B 122 25.56 -13.54 -15.58
N TYR B 123 25.56 -14.75 -16.19
CA TYR B 123 24.36 -15.59 -16.26
C TYR B 123 24.49 -16.97 -15.57
N SER B 124 23.35 -17.50 -15.05
CA SER B 124 23.18 -18.78 -14.33
C SER B 124 21.91 -19.52 -14.79
N SER B 125 21.77 -20.80 -14.35
CA SER B 125 20.67 -21.75 -14.61
C SER B 125 19.24 -21.17 -14.43
N VAL B 132 17.21 -19.47 -17.09
CA VAL B 132 18.22 -18.41 -17.34
C VAL B 132 18.14 -17.25 -16.37
N TYR B 133 19.24 -17.06 -15.60
CA TYR B 133 19.38 -15.99 -14.60
C TYR B 133 20.39 -14.91 -14.95
N LEU B 134 20.01 -13.67 -14.66
CA LEU B 134 20.89 -12.52 -14.78
C LEU B 134 21.40 -12.19 -13.37
N ASN B 135 22.72 -12.06 -13.22
CA ASN B 135 23.35 -11.82 -11.92
C ASN B 135 24.05 -10.47 -11.91
N LEU B 136 23.63 -9.57 -11.00
CA LEU B 136 24.22 -8.23 -10.92
C LEU B 136 25.21 -8.09 -9.79
N VAL B 137 26.50 -7.99 -10.12
CA VAL B 137 27.54 -7.85 -9.12
C VAL B 137 27.71 -6.35 -8.86
N LEU B 138 27.08 -5.90 -7.77
CA LEU B 138 27.05 -4.51 -7.35
C LEU B 138 27.88 -4.33 -6.11
N ASP B 139 28.25 -3.07 -5.82
CA ASP B 139 28.99 -2.70 -4.61
C ASP B 139 28.19 -3.07 -3.35
N TYR B 140 28.88 -3.54 -2.29
CA TYR B 140 28.19 -3.84 -1.03
C TYR B 140 28.17 -2.56 -0.17
N VAL B 141 26.98 -2.24 0.36
CA VAL B 141 26.74 -1.07 1.21
C VAL B 141 26.03 -1.58 2.46
N PRO B 142 26.64 -1.38 3.65
CA PRO B 142 26.09 -1.98 4.88
C PRO B 142 24.65 -1.64 5.32
N GLU B 143 24.35 -0.34 5.45
CA GLU B 143 23.06 0.10 5.96
C GLU B 143 22.11 0.69 4.92
N THR B 144 20.90 1.08 5.37
CA THR B 144 19.85 1.74 4.62
C THR B 144 19.22 2.84 5.47
N VAL B 145 18.72 3.92 4.82
CA VAL B 145 18.05 5.04 5.49
C VAL B 145 16.88 4.50 6.29
N TYR B 146 16.25 3.42 5.79
CA TYR B 146 15.13 2.74 6.45
C TYR B 146 15.53 2.25 7.85
N ARG B 147 16.63 1.45 7.91
CA ARG B 147 17.19 0.87 9.12
C ARG B 147 17.64 1.97 10.07
N VAL B 148 18.38 2.97 9.56
CA VAL B 148 18.84 4.09 10.37
C VAL B 148 17.64 4.83 11.00
N ALA B 149 16.72 5.35 10.18
CA ALA B 149 15.54 6.03 10.68
C ALA B 149 14.82 5.20 11.75
N ARG B 150 14.66 3.88 11.52
CA ARG B 150 13.98 2.97 12.46
C ARG B 150 14.69 2.95 13.80
N HIS B 151 16.04 2.76 13.83
CA HIS B 151 16.82 2.82 15.07
C HIS B 151 16.44 4.04 15.89
N TYR B 152 16.52 5.22 15.28
CA TYR B 152 16.20 6.47 15.92
C TYR B 152 14.78 6.56 16.44
N SER B 153 13.77 6.16 15.66
CA SER B 153 12.38 6.20 16.14
C SER B 153 12.12 5.19 17.26
N ARG B 154 12.77 4.00 17.16
CA ARG B 154 12.70 2.93 18.18
C ARG B 154 13.36 3.43 19.48
N ALA B 155 14.38 4.31 19.37
CA ALA B 155 15.09 4.91 20.49
C ALA B 155 14.46 6.26 20.92
N LYS B 156 13.24 6.54 20.42
CA LYS B 156 12.46 7.75 20.71
C LYS B 156 13.10 9.11 20.34
N GLN B 157 14.26 9.11 19.66
CA GLN B 157 14.90 10.34 19.20
C GLN B 157 14.88 10.56 17.68
N THR B 158 15.29 11.76 17.28
CA THR B 158 15.33 12.19 15.89
C THR B 158 16.76 12.17 15.36
N LEU B 159 16.96 11.64 14.13
CA LEU B 159 18.25 11.63 13.48
C LEU B 159 18.74 13.09 13.41
N PRO B 160 19.99 13.34 13.89
CA PRO B 160 20.57 14.70 13.81
C PRO B 160 20.54 15.30 12.40
N VAL B 161 19.99 16.52 12.33
CA VAL B 161 19.85 17.35 11.12
C VAL B 161 21.08 17.32 10.19
N ILE B 162 22.31 17.17 10.74
CA ILE B 162 23.47 17.06 9.85
C ILE B 162 23.34 15.87 8.91
N TYR B 163 22.92 14.71 9.47
CA TYR B 163 22.72 13.48 8.70
C TYR B 163 21.57 13.64 7.71
N VAL B 164 20.47 14.31 8.09
CA VAL B 164 19.34 14.60 7.21
C VAL B 164 19.82 15.44 6.00
N LYS B 165 20.60 16.52 6.28
CA LYS B 165 21.22 17.40 5.30
C LYS B 165 22.09 16.57 4.32
N LEU B 166 23.03 15.79 4.87
CA LEU B 166 23.97 14.95 4.14
C LEU B 166 23.26 13.95 3.26
N TYR B 167 22.33 13.17 3.82
CA TYR B 167 21.60 12.14 3.09
C TYR B 167 20.70 12.70 2.03
N MET B 168 19.93 13.75 2.35
CA MET B 168 19.04 14.35 1.37
C MET B 168 19.75 14.93 0.17
N TYR B 169 20.85 15.64 0.39
CA TYR B 169 21.63 16.25 -0.67
C TYR B 169 22.12 15.19 -1.64
N GLN B 170 22.70 14.12 -1.12
CA GLN B 170 23.24 13.02 -1.91
C GLN B 170 22.14 12.33 -2.72
N LEU B 171 20.92 12.24 -2.15
CA LEU B 171 19.78 11.65 -2.86
C LEU B 171 19.43 12.56 -4.03
N PHE B 172 19.40 13.87 -3.76
CA PHE B 172 19.08 14.88 -4.72
C PHE B 172 20.07 14.91 -5.84
N ARG B 173 21.38 14.76 -5.55
CA ARG B 173 22.40 14.67 -6.61
C ARG B 173 22.13 13.45 -7.47
N SER B 174 21.88 12.29 -6.85
CA SER B 174 21.61 11.05 -7.58
C SER B 174 20.41 11.21 -8.55
N LEU B 175 19.40 11.96 -8.11
CA LEU B 175 18.20 12.28 -8.85
C LEU B 175 18.52 13.26 -9.99
N ALA B 176 19.28 14.33 -9.69
CA ALA B 176 19.73 15.31 -10.70
C ALA B 176 20.42 14.63 -11.88
N TYR B 177 21.30 13.66 -11.56
CA TYR B 177 22.05 12.85 -12.51
C TYR B 177 21.11 11.98 -13.33
N ILE B 178 20.38 11.03 -12.67
CA ILE B 178 19.46 10.12 -13.39
C ILE B 178 18.49 10.85 -14.26
N HIS B 179 17.91 11.96 -13.76
CA HIS B 179 16.94 12.77 -14.49
C HIS B 179 17.55 13.44 -15.72
N SER B 180 18.82 13.82 -15.67
CA SER B 180 19.51 14.40 -16.82
C SER B 180 19.78 13.36 -17.96
N PHE B 181 18.97 12.31 -18.03
CA PHE B 181 19.03 11.27 -19.04
C PHE B 181 17.60 10.88 -19.35
N GLY B 182 16.66 11.61 -18.74
CA GLY B 182 15.23 11.34 -18.85
C GLY B 182 14.82 10.07 -18.10
N ILE B 183 15.74 9.50 -17.26
CA ILE B 183 15.51 8.30 -16.46
C ILE B 183 14.84 8.67 -15.12
N CYS B 184 13.72 8.00 -14.83
CA CYS B 184 12.96 8.17 -13.61
C CYS B 184 13.14 6.90 -12.78
N HIS B 185 13.42 7.03 -11.47
CA HIS B 185 13.63 5.88 -10.58
C HIS B 185 12.36 5.08 -10.39
N ARG B 186 11.25 5.80 -10.20
CA ARG B 186 9.91 5.28 -9.99
C ARG B 186 9.63 4.61 -8.61
N ASP B 187 10.68 4.28 -7.83
CA ASP B 187 10.52 3.71 -6.48
C ASP B 187 11.48 4.27 -5.43
N ILE B 188 11.38 5.58 -5.17
CA ILE B 188 12.17 6.17 -4.11
C ILE B 188 11.43 5.84 -2.79
N LYS B 189 12.16 5.17 -1.88
CA LYS B 189 11.75 4.76 -0.56
C LYS B 189 13.02 4.60 0.26
N PRO B 190 12.95 4.80 1.62
CA PRO B 190 14.18 4.67 2.46
C PRO B 190 14.92 3.33 2.34
N GLN B 191 14.20 2.25 2.00
CA GLN B 191 14.78 0.91 1.77
C GLN B 191 15.76 0.86 0.58
N ASN B 192 15.55 1.76 -0.40
CA ASN B 192 16.36 1.89 -1.63
C ASN B 192 17.48 2.92 -1.51
N LEU B 193 17.66 3.51 -0.33
CA LEU B 193 18.70 4.50 -0.12
C LEU B 193 19.74 3.88 0.80
N LEU B 194 20.76 3.26 0.19
CA LEU B 194 21.86 2.60 0.89
C LEU B 194 22.78 3.60 1.47
N LEU B 195 23.31 3.32 2.67
CA LEU B 195 24.29 4.19 3.31
C LEU B 195 25.44 3.49 4.04
N ASP B 196 26.63 4.10 3.97
CA ASP B 196 27.79 3.64 4.72
C ASP B 196 27.72 4.58 5.91
N PRO B 197 27.63 4.02 7.13
CA PRO B 197 27.46 4.87 8.31
C PRO B 197 28.70 5.68 8.69
N ASP B 198 29.90 5.10 8.53
CA ASP B 198 31.16 5.78 8.88
C ASP B 198 31.48 6.89 7.90
N THR B 199 31.41 6.62 6.57
CA THR B 199 31.71 7.64 5.57
C THR B 199 30.59 8.64 5.34
N ALA B 200 29.35 8.30 5.73
CA ALA B 200 28.15 9.13 5.55
C ALA B 200 27.68 9.20 4.08
N VAL B 201 28.17 8.28 3.24
CA VAL B 201 27.78 8.27 1.85
C VAL B 201 26.50 7.52 1.60
N LEU B 202 25.60 8.16 0.83
CA LEU B 202 24.30 7.61 0.42
C LEU B 202 24.45 7.18 -1.03
N LYS B 203 23.86 6.05 -1.36
CA LYS B 203 23.88 5.48 -2.70
C LYS B 203 22.48 4.93 -3.04
N LEU B 204 21.88 5.47 -4.12
CA LEU B 204 20.58 5.02 -4.63
C LEU B 204 20.75 3.63 -5.27
N CYS B 205 19.77 2.76 -5.09
CA CYS B 205 19.77 1.41 -5.66
C CYS B 205 18.37 1.02 -6.10
N ASP B 206 18.24 -0.13 -6.72
CA ASP B 206 16.98 -0.70 -7.25
C ASP B 206 16.38 0.02 -8.44
N PHE B 207 17.06 -0.17 -9.59
CA PHE B 207 16.59 0.42 -10.83
C PHE B 207 15.62 -0.54 -11.55
N GLY B 208 15.11 -1.50 -10.79
CA GLY B 208 14.16 -2.50 -11.25
C GLY B 208 12.93 -1.88 -11.88
N SER B 209 12.43 -0.76 -11.31
CA SER B 209 11.26 -0.10 -11.89
C SER B 209 11.59 1.23 -12.59
N ALA B 210 12.89 1.58 -12.66
CA ALA B 210 13.39 2.77 -13.36
C ALA B 210 13.15 2.61 -14.85
N LYS B 211 12.68 3.67 -15.49
CA LYS B 211 12.36 3.70 -16.92
C LYS B 211 12.68 5.08 -17.46
N GLN B 212 13.16 5.16 -18.73
CA GLN B 212 13.37 6.46 -19.33
C GLN B 212 12.03 6.98 -19.84
N LEU B 213 11.58 8.09 -19.24
CA LEU B 213 10.31 8.71 -19.56
C LEU B 213 10.46 9.64 -20.75
N VAL B 214 9.68 9.38 -21.81
CA VAL B 214 9.62 10.19 -23.04
C VAL B 214 8.25 10.89 -23.08
N ARG B 215 8.22 12.22 -23.39
CA ARG B 215 6.98 13.00 -23.48
C ARG B 215 6.07 12.37 -24.51
N GLY B 216 4.78 12.35 -24.20
CA GLY B 216 3.78 11.76 -25.09
C GLY B 216 3.63 10.27 -24.97
N GLU B 217 4.69 9.56 -24.52
CA GLU B 217 4.63 8.10 -24.32
C GLU B 217 3.98 7.83 -22.95
N PRO B 218 2.95 6.98 -22.87
CA PRO B 218 2.32 6.75 -21.56
C PRO B 218 3.03 5.65 -20.78
N ASN B 219 3.10 5.79 -19.43
CA ASN B 219 3.76 4.80 -18.57
C ASN B 219 2.80 4.39 -17.46
N VAL B 220 2.96 3.15 -16.94
CA VAL B 220 2.13 2.56 -15.86
C VAL B 220 2.00 3.42 -14.61
N SER B 221 0.77 3.56 -14.11
CA SER B 221 0.56 4.35 -12.90
C SER B 221 0.75 3.50 -11.65
N TYR B 222 0.94 2.17 -11.80
CA TYR B 222 1.05 1.28 -10.64
C TYR B 222 2.44 1.15 -10.01
N ILE B 223 3.35 2.05 -10.40
CA ILE B 223 4.70 2.09 -9.85
C ILE B 223 4.71 2.86 -8.51
N CYS B 224 5.83 2.76 -7.77
CA CYS B 224 6.06 3.50 -6.54
C CYS B 224 5.43 2.91 -5.32
N SER B 225 6.21 2.86 -4.25
CA SER B 225 5.75 2.24 -3.02
C SER B 225 4.84 3.09 -2.17
N ARG B 226 3.88 2.45 -1.46
CA ARG B 226 2.89 3.05 -0.54
C ARG B 226 3.61 3.99 0.47
N TYR B 227 3.16 5.28 0.58
CA TYR B 227 3.67 6.38 1.45
C TYR B 227 4.45 7.40 0.65
N TYR B 228 5.04 6.94 -0.46
CA TYR B 228 5.91 7.74 -1.31
C TYR B 228 5.31 8.05 -2.68
N ARG B 229 4.11 7.53 -2.95
CA ARG B 229 3.39 7.75 -4.21
C ARG B 229 2.96 9.19 -4.31
N ALA B 230 3.31 9.79 -5.44
CA ALA B 230 2.96 11.16 -5.78
C ALA B 230 1.45 11.19 -6.05
N PRO B 231 0.73 12.28 -5.72
CA PRO B 231 -0.73 12.28 -5.95
C PRO B 231 -1.23 11.93 -7.36
N GLU B 232 -0.52 12.37 -8.41
CA GLU B 232 -0.81 12.02 -9.80
C GLU B 232 -0.95 10.50 -9.94
N LEU B 233 -0.03 9.78 -9.27
CA LEU B 233 0.02 8.34 -9.31
C LEU B 233 -1.19 7.75 -8.57
N ILE B 234 -1.58 8.35 -7.41
CA ILE B 234 -2.73 7.90 -6.64
C ILE B 234 -3.98 8.01 -7.54
N PHE B 235 -4.07 9.13 -8.31
CA PHE B 235 -5.13 9.39 -9.27
C PHE B 235 -4.87 8.68 -10.61
N GLY B 236 -4.06 7.62 -10.62
CA GLY B 236 -3.74 6.81 -11.80
C GLY B 236 -3.28 7.48 -13.10
N ALA B 237 -2.55 8.62 -13.01
CA ALA B 237 -2.03 9.33 -14.18
C ALA B 237 -0.98 8.52 -14.93
N THR B 238 -0.95 8.65 -16.27
CA THR B 238 -0.03 7.92 -17.17
C THR B 238 0.91 8.85 -17.93
N ASP B 239 0.72 10.18 -17.72
CA ASP B 239 1.46 11.32 -18.27
C ASP B 239 2.38 11.95 -17.20
N TYR B 240 2.72 11.17 -16.15
CA TYR B 240 3.57 11.71 -15.09
C TYR B 240 5.00 11.96 -15.58
N THR B 241 5.75 12.84 -14.87
CA THR B 241 7.14 13.17 -15.19
C THR B 241 8.09 12.69 -14.09
N SER B 242 9.37 13.08 -14.15
CA SER B 242 10.38 12.72 -13.14
C SER B 242 10.15 13.42 -11.80
N SER B 243 9.21 14.39 -11.79
CA SER B 243 8.80 15.12 -10.60
C SER B 243 8.18 14.17 -9.58
N ILE B 244 7.86 12.92 -10.00
CA ILE B 244 7.31 11.91 -9.10
C ILE B 244 8.38 11.51 -8.09
N ASP B 245 9.65 11.35 -8.55
CA ASP B 245 10.81 11.04 -7.70
C ASP B 245 11.07 12.15 -6.66
N VAL B 246 10.78 13.42 -7.04
CA VAL B 246 10.95 14.61 -6.19
C VAL B 246 9.90 14.58 -5.08
N TRP B 247 8.67 14.12 -5.38
CA TRP B 247 7.63 14.01 -4.37
C TRP B 247 8.08 12.95 -3.32
N SER B 248 8.49 11.75 -3.82
CA SER B 248 9.02 10.64 -3.03
C SER B 248 10.23 11.10 -2.20
N ALA B 249 11.13 11.90 -2.80
CA ALA B 249 12.27 12.42 -2.08
C ALA B 249 11.77 13.31 -0.90
N GLY B 250 10.82 14.21 -1.20
CA GLY B 250 10.21 15.10 -0.21
C GLY B 250 9.58 14.35 0.95
N CYS B 251 8.97 13.18 0.64
CA CYS B 251 8.34 12.29 1.60
C CYS B 251 9.35 11.72 2.57
N VAL B 252 10.59 11.42 2.06
CA VAL B 252 11.69 10.87 2.86
C VAL B 252 12.18 11.98 3.76
N LEU B 253 12.37 13.21 3.22
CA LEU B 253 12.80 14.34 4.03
C LEU B 253 11.91 14.50 5.26
N ALA B 254 10.59 14.66 5.04
CA ALA B 254 9.58 14.85 6.06
C ALA B 254 9.62 13.73 7.10
N GLU B 255 9.79 12.48 6.65
CA GLU B 255 9.83 11.27 7.50
C GLU B 255 11.00 11.29 8.43
N LEU B 256 12.19 11.72 7.96
CA LEU B 256 13.39 11.85 8.76
C LEU B 256 13.22 13.01 9.76
N LEU B 257 12.46 14.03 9.36
CA LEU B 257 12.17 15.17 10.22
C LEU B 257 11.13 14.82 11.29
N LEU B 258 9.99 14.24 10.90
CA LEU B 258 8.91 13.85 11.81
C LEU B 258 9.24 12.63 12.65
N GLY B 259 10.09 11.76 12.14
CA GLY B 259 10.41 10.51 12.81
C GLY B 259 9.43 9.36 12.54
N GLN B 260 8.55 9.55 11.53
CA GLN B 260 7.55 8.59 11.07
C GLN B 260 6.92 9.04 9.72
N PRO B 261 6.30 8.14 8.89
CA PRO B 261 5.76 8.58 7.59
C PRO B 261 4.80 9.76 7.65
N ILE B 262 4.96 10.74 6.75
CA ILE B 262 4.11 11.96 6.68
C ILE B 262 2.68 11.68 6.19
N PHE B 263 2.53 10.85 5.14
CA PHE B 263 1.22 10.55 4.57
C PHE B 263 1.00 9.05 4.53
N PRO B 264 0.63 8.43 5.67
CA PRO B 264 0.43 6.97 5.68
C PRO B 264 -0.97 6.62 5.20
N GLY B 265 -1.21 5.33 5.10
CA GLY B 265 -2.51 4.82 4.70
C GLY B 265 -2.35 3.63 3.79
N ASP B 266 -3.23 2.64 3.94
CA ASP B 266 -3.15 1.43 3.12
C ASP B 266 -3.93 1.53 1.82
N SER B 267 -4.90 2.45 1.77
CA SER B 267 -5.68 2.71 0.57
C SER B 267 -5.29 4.10 0.06
N GLY B 268 -5.38 4.31 -1.26
CA GLY B 268 -5.11 5.61 -1.87
C GLY B 268 -5.90 6.69 -1.18
N VAL B 269 -7.17 6.36 -0.87
CA VAL B 269 -8.12 7.21 -0.14
C VAL B 269 -7.47 7.68 1.17
N ASP B 270 -7.01 6.72 2.01
CA ASP B 270 -6.36 7.01 3.28
C ASP B 270 -5.15 7.94 3.10
N GLN B 271 -4.31 7.68 2.07
CA GLN B 271 -3.11 8.45 1.74
C GLN B 271 -3.51 9.88 1.38
N LEU B 272 -4.44 10.03 0.42
CA LEU B 272 -4.98 11.31 -0.05
C LEU B 272 -5.51 12.18 1.08
N VAL B 273 -6.18 11.59 2.08
CA VAL B 273 -6.70 12.28 3.27
C VAL B 273 -5.55 12.95 4.04
N GLU B 274 -4.52 12.17 4.40
CA GLU B 274 -3.34 12.63 5.13
C GLU B 274 -2.59 13.75 4.38
N ILE B 275 -2.71 13.76 3.02
CA ILE B 275 -2.15 14.78 2.14
C ILE B 275 -2.95 16.06 2.32
N ILE B 276 -4.28 16.01 2.04
CA ILE B 276 -5.23 17.13 2.22
C ILE B 276 -5.09 17.72 3.65
N LYS B 277 -4.93 16.84 4.67
CA LYS B 277 -4.71 17.27 6.05
C LYS B 277 -3.58 18.33 6.12
N VAL B 278 -2.47 18.13 5.36
CA VAL B 278 -1.35 19.08 5.39
C VAL B 278 -1.32 20.07 4.22
N LEU B 279 -1.46 19.56 2.98
CA LEU B 279 -1.42 20.38 1.77
C LEU B 279 -2.68 21.23 1.52
N GLY B 280 -3.80 20.87 2.12
CA GLY B 280 -5.05 21.56 1.88
C GLY B 280 -5.82 20.92 0.74
N THR B 281 -6.97 21.47 0.37
CA THR B 281 -7.74 20.88 -0.73
C THR B 281 -7.19 21.32 -2.08
N PRO B 282 -6.85 20.36 -2.94
CA PRO B 282 -6.33 20.74 -4.25
C PRO B 282 -7.33 21.58 -5.05
N THR B 283 -6.87 22.70 -5.67
CA THR B 283 -7.70 23.55 -6.54
C THR B 283 -8.15 22.75 -7.78
N ARG B 284 -9.15 23.22 -8.54
CA ARG B 284 -9.60 22.49 -9.74
C ARG B 284 -8.45 22.43 -10.77
N GLU B 285 -7.62 23.50 -10.83
CA GLU B 285 -6.45 23.54 -11.70
C GLU B 285 -5.41 22.52 -11.24
N GLN B 286 -5.18 22.40 -9.91
CA GLN B 286 -4.25 21.43 -9.32
C GLN B 286 -4.66 20.01 -9.70
N ILE B 287 -5.97 19.70 -9.61
CA ILE B 287 -6.56 18.41 -10.00
C ILE B 287 -6.33 18.18 -11.51
N ARG B 288 -6.50 19.25 -12.31
CA ARG B 288 -6.33 19.21 -13.76
C ARG B 288 -4.90 18.85 -14.11
N GLU B 289 -3.94 19.36 -13.33
CA GLU B 289 -2.51 19.11 -13.52
C GLU B 289 -2.01 17.77 -12.93
N MET B 290 -2.93 16.77 -12.71
CA MET B 290 -2.61 15.43 -12.18
C MET B 290 -3.18 14.29 -13.06
N PHE B 299 -14.83 13.90 -2.26
CA PHE B 299 -14.12 15.13 -2.60
C PHE B 299 -14.17 16.18 -1.41
N PRO B 300 -13.67 15.86 -0.16
CA PRO B 300 -13.78 16.80 0.98
C PRO B 300 -13.16 18.19 0.86
N GLN B 301 -13.54 19.11 1.78
CA GLN B 301 -13.11 20.51 1.77
C GLN B 301 -12.38 20.92 3.06
N ILE B 302 -11.04 20.75 3.10
CA ILE B 302 -10.17 21.03 4.24
C ILE B 302 -9.15 22.16 3.97
N LYS B 303 -9.00 23.09 4.93
CA LYS B 303 -8.04 24.20 4.82
C LYS B 303 -6.62 23.71 5.16
N ALA B 304 -5.62 24.26 4.46
CA ALA B 304 -4.21 23.92 4.62
C ALA B 304 -3.68 24.10 6.04
N HIS B 305 -3.10 23.01 6.59
CA HIS B 305 -2.47 22.96 7.91
C HIS B 305 -1.12 23.67 7.71
N PRO B 306 -0.84 24.81 8.42
CA PRO B 306 0.46 25.48 8.22
C PRO B 306 1.61 24.52 8.45
N TRP B 307 2.48 24.44 7.45
CA TRP B 307 3.65 23.59 7.43
C TRP B 307 4.49 23.64 8.75
N THR B 308 4.49 24.80 9.44
CA THR B 308 5.23 25.02 10.69
C THR B 308 4.60 24.22 11.83
N LYS B 309 3.27 23.97 11.72
CA LYS B 309 2.48 23.20 12.70
C LYS B 309 2.65 21.67 12.50
N VAL B 310 3.19 21.25 11.34
CA VAL B 310 3.41 19.83 11.02
C VAL B 310 4.57 19.23 11.81
N PHE B 311 5.72 19.92 11.82
CA PHE B 311 6.94 19.44 12.48
C PHE B 311 7.09 19.90 13.93
N ARG B 312 7.92 19.19 14.70
CA ARG B 312 8.20 19.52 16.09
C ARG B 312 8.77 20.97 16.22
N PRO B 313 8.79 21.59 17.44
CA PRO B 313 9.34 22.94 17.55
C PRO B 313 10.86 22.79 17.49
N ARG B 314 11.53 23.81 17.01
CA ARG B 314 12.99 23.75 16.85
C ARG B 314 13.50 22.97 15.58
N THR B 315 12.55 22.55 14.72
CA THR B 315 12.82 21.98 13.41
C THR B 315 13.31 23.16 12.57
N PRO B 316 14.49 23.05 11.89
CA PRO B 316 14.98 24.19 11.10
C PRO B 316 13.95 24.76 10.14
N PRO B 317 13.76 26.09 10.11
CA PRO B 317 12.77 26.69 9.17
C PRO B 317 13.01 26.30 7.72
N GLU B 318 14.30 26.22 7.34
CA GLU B 318 14.85 25.84 6.03
C GLU B 318 14.41 24.43 5.63
N ALA B 319 14.36 23.49 6.61
CA ALA B 319 13.91 22.12 6.39
C ALA B 319 12.41 22.15 6.00
N ILE B 320 11.59 22.89 6.78
CA ILE B 320 10.16 23.03 6.55
C ILE B 320 9.94 23.73 5.21
N ALA B 321 10.73 24.80 4.93
CA ALA B 321 10.72 25.55 3.66
C ALA B 321 10.96 24.61 2.47
N LEU B 322 11.98 23.72 2.59
CA LEU B 322 12.34 22.77 1.55
C LEU B 322 11.21 21.80 1.32
N CYS B 323 10.53 21.34 2.39
CA CYS B 323 9.39 20.43 2.25
C CYS B 323 8.30 21.01 1.35
N SER B 324 7.72 22.14 1.75
CA SER B 324 6.64 22.83 1.07
C SER B 324 6.86 22.96 -0.42
N ARG B 325 8.13 23.13 -0.82
CA ARG B 325 8.61 23.30 -2.19
C ARG B 325 8.75 22.01 -3.01
N LEU B 326 8.82 20.85 -2.31
CA LEU B 326 8.92 19.51 -2.89
C LEU B 326 7.51 18.86 -2.89
N LEU B 327 6.78 19.01 -1.75
CA LEU B 327 5.45 18.44 -1.59
C LEU B 327 4.35 19.39 -2.09
N GLU B 328 4.33 19.56 -3.43
CA GLU B 328 3.42 20.45 -4.15
C GLU B 328 2.41 19.61 -4.93
N TYR B 329 1.13 20.06 -5.01
CA TYR B 329 0.13 19.32 -5.78
C TYR B 329 0.54 19.34 -7.26
N THR B 330 0.78 20.55 -7.81
CA THR B 330 1.18 20.78 -9.20
C THR B 330 2.57 20.20 -9.47
N PRO B 331 2.67 19.11 -10.27
CA PRO B 331 4.00 18.49 -10.52
C PRO B 331 5.06 19.45 -11.03
N THR B 332 4.58 20.52 -11.65
CA THR B 332 5.31 21.63 -12.25
C THR B 332 5.90 22.58 -11.19
N ALA B 333 5.16 22.79 -10.09
CA ALA B 333 5.52 23.66 -8.97
C ALA B 333 6.68 23.13 -8.13
N ARG B 334 6.96 21.83 -8.25
CA ARG B 334 7.97 21.17 -7.43
C ARG B 334 9.33 21.52 -7.93
N LEU B 335 10.27 21.68 -6.98
CA LEU B 335 11.70 21.93 -7.22
C LEU B 335 12.29 20.83 -8.09
N THR B 336 13.39 21.14 -8.79
CA THR B 336 14.07 20.09 -9.54
C THR B 336 15.13 19.56 -8.60
N PRO B 337 15.62 18.32 -8.74
CA PRO B 337 16.66 17.83 -7.81
C PRO B 337 17.82 18.81 -7.59
N LEU B 338 18.32 19.46 -8.67
CA LEU B 338 19.42 20.44 -8.61
C LEU B 338 19.02 21.65 -7.83
N GLU B 339 17.77 22.10 -8.02
CA GLU B 339 17.23 23.28 -7.36
C GLU B 339 17.19 23.04 -5.88
N ALA B 340 16.87 21.79 -5.49
CA ALA B 340 16.85 21.33 -4.10
C ALA B 340 18.32 21.28 -3.56
N CYS B 341 19.28 20.76 -4.36
CA CYS B 341 20.69 20.68 -3.97
C CYS B 341 21.19 22.06 -3.58
N ALA B 342 20.78 23.07 -4.35
CA ALA B 342 21.18 24.46 -4.13
C ALA B 342 20.25 25.23 -3.18
N HIS B 343 19.36 24.54 -2.41
CA HIS B 343 18.43 25.15 -1.45
C HIS B 343 19.18 25.55 -0.19
N SER B 344 18.78 26.67 0.44
CA SER B 344 19.37 27.19 1.68
C SER B 344 19.51 26.20 2.87
N PHE B 345 18.79 25.06 2.83
CA PHE B 345 18.85 24.03 3.89
C PHE B 345 20.24 23.37 3.96
N PHE B 346 20.80 23.07 2.77
CA PHE B 346 22.07 22.38 2.58
C PHE B 346 23.29 23.29 2.68
N ASP B 347 23.11 24.58 3.08
CA ASP B 347 24.19 25.56 3.23
C ASP B 347 25.26 25.11 4.19
N GLU B 348 24.89 24.35 5.24
CA GLU B 348 25.88 23.87 6.19
C GLU B 348 26.91 22.92 5.52
N LEU B 349 26.45 22.12 4.54
CA LEU B 349 27.32 21.20 3.83
C LEU B 349 28.40 21.96 3.02
N ARG B 350 28.07 23.19 2.59
CA ARG B 350 28.95 24.06 1.83
C ARG B 350 29.91 24.88 2.73
N ASP B 351 29.75 24.76 4.09
CA ASP B 351 30.67 25.41 5.03
C ASP B 351 32.02 24.68 4.97
N PRO B 352 33.15 25.44 4.87
CA PRO B 352 34.48 24.79 4.75
C PRO B 352 34.94 24.02 5.99
N ASN B 353 34.37 24.37 7.15
CA ASN B 353 34.69 23.75 8.43
C ASN B 353 33.82 22.54 8.78
N VAL B 354 32.73 22.32 8.00
CA VAL B 354 31.82 21.19 8.20
C VAL B 354 32.57 19.86 8.25
N LYS B 355 32.36 19.16 9.38
CA LYS B 355 32.92 17.84 9.64
C LYS B 355 31.82 16.88 10.13
N LEU B 356 32.03 15.57 9.99
CA LEU B 356 31.05 14.57 10.46
C LEU B 356 31.15 14.46 11.98
N PRO B 357 30.06 14.06 12.68
CA PRO B 357 30.12 13.91 14.14
C PRO B 357 31.24 13.02 14.65
N ASN B 358 31.64 12.02 13.85
CA ASN B 358 32.75 11.13 14.20
C ASN B 358 34.13 11.74 13.92
N GLY B 359 34.16 13.02 13.58
CA GLY B 359 35.38 13.75 13.29
C GLY B 359 35.87 13.68 11.86
N ARG B 360 35.43 12.65 11.12
CA ARG B 360 35.79 12.42 9.72
C ARG B 360 35.32 13.55 8.80
N ASP B 361 35.90 13.63 7.59
CA ASP B 361 35.55 14.60 6.57
C ASP B 361 34.22 14.23 5.91
N THR B 362 33.52 15.22 5.35
CA THR B 362 32.27 14.90 4.65
C THR B 362 32.66 14.23 3.31
N PRO B 363 31.80 13.38 2.70
CA PRO B 363 32.15 12.76 1.42
C PRO B 363 32.18 13.79 0.29
N ALA B 364 32.51 13.36 -0.95
CA ALA B 364 32.55 14.23 -2.12
C ALA B 364 31.17 14.84 -2.35
N LEU B 365 31.06 16.16 -2.23
CA LEU B 365 29.75 16.79 -2.42
C LEU B 365 29.74 17.78 -3.58
N PHE B 366 30.91 18.15 -4.08
CA PHE B 366 31.00 19.19 -5.11
C PHE B 366 31.52 18.80 -6.49
N ASN B 367 31.87 17.52 -6.68
CA ASN B 367 32.37 16.97 -7.94
C ASN B 367 31.29 16.93 -9.02
N PHE B 368 30.60 18.04 -9.21
CA PHE B 368 29.57 18.15 -10.23
C PHE B 368 30.20 18.08 -11.60
N THR B 369 29.50 17.42 -12.51
CA THR B 369 29.88 17.27 -13.91
C THR B 369 28.96 18.16 -14.76
N THR B 370 29.34 18.36 -16.04
CA THR B 370 28.56 19.17 -16.99
C THR B 370 27.17 18.55 -17.10
N GLN B 371 27.17 17.21 -17.12
CA GLN B 371 25.99 16.35 -17.20
C GLN B 371 25.06 16.64 -16.04
N GLU B 372 25.54 16.49 -14.77
CA GLU B 372 24.77 16.74 -13.55
C GLU B 372 24.12 18.13 -13.57
N LEU B 373 24.93 19.15 -13.92
CA LEU B 373 24.57 20.56 -13.94
C LEU B 373 23.73 20.99 -15.14
N SER B 374 23.66 20.12 -16.22
CA SER B 374 22.94 20.39 -17.48
C SER B 374 21.56 21.01 -17.29
N SER B 375 20.79 20.46 -16.33
CA SER B 375 19.48 20.91 -15.90
C SER B 375 19.36 22.46 -15.89
N ASN B 376 20.39 23.18 -15.33
CA ASN B 376 20.44 24.65 -15.12
C ASN B 376 21.89 25.03 -14.67
N PRO B 377 22.87 25.13 -15.62
CA PRO B 377 24.25 25.45 -15.24
C PRO B 377 24.56 26.62 -14.29
N PRO B 378 23.90 27.80 -14.36
CA PRO B 378 24.16 28.88 -13.36
C PRO B 378 24.25 28.47 -11.88
N LEU B 379 23.62 27.33 -11.55
CA LEU B 379 23.57 26.75 -10.20
C LEU B 379 24.98 26.41 -9.63
N ALA B 380 25.98 26.19 -10.52
CA ALA B 380 27.37 25.88 -10.18
C ALA B 380 27.95 26.87 -9.17
N THR B 381 27.56 28.15 -9.28
CA THR B 381 28.04 29.23 -8.40
C THR B 381 27.64 28.94 -6.96
N ILE B 382 26.40 28.39 -6.76
CA ILE B 382 25.89 28.00 -5.44
C ILE B 382 26.41 26.60 -5.11
N LEU B 383 26.17 25.63 -6.01
CA LEU B 383 26.54 24.23 -5.81
C LEU B 383 27.98 23.89 -5.42
N ILE B 384 28.98 24.62 -6.04
CA ILE B 384 30.41 24.49 -5.76
C ILE B 384 30.91 25.69 -4.89
N PRO B 385 31.16 25.47 -3.58
CA PRO B 385 31.63 26.56 -2.73
C PRO B 385 33.05 26.99 -3.11
N PRO B 386 33.45 28.26 -2.83
CA PRO B 386 34.79 28.72 -3.22
C PRO B 386 35.93 27.83 -2.77
N HIS B 387 35.82 27.23 -1.57
CA HIS B 387 36.84 26.32 -1.04
C HIS B 387 36.98 24.96 -1.80
N ALA B 388 36.03 24.66 -2.71
CA ALA B 388 35.99 23.38 -3.39
C ALA B 388 36.88 23.27 -4.60
C1 IQ6 C . -14.97 -2.15 17.00
C2 IQ6 C . -15.33 -1.42 15.88
C3 IQ6 C . -15.69 -0.27 12.94
C4 IQ6 C . -17.86 0.53 12.47
C5 IQ6 C . -15.93 -2.85 17.69
C6 IQ6 C . -18.74 -1.31 14.63
C7 IQ6 C . -16.66 -1.46 15.52
C8 IQ6 C . -17.02 -0.16 13.30
C9 IQ6 C . -17.44 -0.89 14.46
C10 IQ6 C . -17.53 -2.21 16.29
C11 IQ6 C . -15.19 0.33 11.80
C12 IQ6 C . -17.30 1.09 11.33
C13 IQ6 C . -10.33 0.90 13.94
C14 IQ6 C . -11.70 0.88 14.61
C15 IQ6 C . -10.40 1.43 12.52
C16 IQ6 C . -12.71 0.14 13.76
C17 IQ6 C . -11.49 0.78 11.68
C18 IQ6 C . -12.85 0.79 12.38
N19 IQ6 C . -17.24 -2.93 17.38
N20 IQ6 C . -16.01 1.01 10.98
N21 IQ6 C . -18.78 -2.08 15.77
N22 IQ6 C . -13.82 0.11 11.52
CL1 IQ6 C . -18.34 1.95 10.26
C1 IQ6 D . 22.45 -4.68 0.54
C2 IQ6 D . 21.75 -4.51 -0.63
C3 IQ6 D . 19.76 -4.20 -3.27
C4 IQ6 D . 20.88 -3.17 -5.06
C5 IQ6 D . 23.78 -4.33 0.62
C6 IQ6 D . 23.34 -3.16 -3.59
C7 IQ6 D . 22.48 -3.98 -1.69
C8 IQ6 D . 20.94 -3.68 -3.78
C9 IQ6 D . 22.18 -3.64 -3.04
C10 IQ6 D . 23.81 -3.68 -1.48
C11 IQ6 D . 18.59 -4.19 -4.01
C12 IQ6 D . 19.70 -3.20 -5.75
C13 IQ6 D . 17.26 -4.74 0.90
C14 IQ6 D . 17.60 -3.46 0.15
C15 IQ6 D . 17.56 -6.03 0.13
C16 IQ6 D . 17.03 -3.45 -1.26
C17 IQ6 D . 17.04 -5.97 -1.29
C18 IQ6 D . 17.54 -4.70 -1.96
N19 IQ6 D . 24.53 -3.82 -0.36
N20 IQ6 D . 18.53 -3.70 -5.26
N21 IQ6 D . 24.32 -3.19 -2.65
N22 IQ6 D . 17.42 -4.71 -3.42
CL1 IQ6 D . 19.72 -2.54 -7.35
#